data_2A59
#
_entry.id   2A59
#
_cell.length_a   111.150
_cell.length_b   144.810
_cell.length_c   127.780
_cell.angle_alpha   90.00
_cell.angle_beta   90.00
_cell.angle_gamma   90.00
#
_symmetry.space_group_name_H-M   'C 2 2 21'
#
loop_
_entity.id
_entity.type
_entity.pdbx_description
1 polymer '6,7-dimethyl-8-ribityllumazine synthase'
2 non-polymer 'PHOSPHATE ION'
3 non-polymer 5-NITROSO-6-RIBITYL-AMINO-2,4(1H,3H)-PYRIMIDINEDIONE
4 water water
#
_entity_poly.entity_id   1
_entity_poly.type   'polypeptide(L)'
_entity_poly.pdbx_seq_one_letter_code
;MFSGIKGPNPSDLKGPELRILIVHARYNLQAIEPLVKGAVETMIEKHDVKLENIDIESVPGSWELPQGIRASIARNTYDA
VIGIGVLIKGSTMHFEYISEAVVHGLMRVGLDSGVPVILGLLTVLNEEQALYRAGLNGGHNHGNDWGSAAVEMGLKALY
;
_entity_poly.pdbx_strand_id   A,B,C,D,E
#
# COMPACT_ATOMS: atom_id res chain seq x y z
N LEU A 13 -11.01 -20.00 27.27
CA LEU A 13 -11.51 -20.33 25.90
C LEU A 13 -10.90 -21.63 25.38
N LYS A 14 -11.76 -22.57 25.02
CA LYS A 14 -11.29 -23.86 24.50
C LYS A 14 -11.87 -24.13 23.13
N GLY A 15 -11.07 -24.72 22.26
CA GLY A 15 -11.52 -25.01 20.91
C GLY A 15 -11.11 -26.41 20.50
N PRO A 16 -11.77 -27.44 21.04
CA PRO A 16 -11.47 -28.84 20.72
C PRO A 16 -11.70 -29.16 19.26
N GLU A 17 -12.63 -28.45 18.63
CA GLU A 17 -12.99 -28.67 17.23
C GLU A 17 -12.24 -27.77 16.25
N LEU A 18 -11.43 -26.86 16.76
CA LEU A 18 -10.69 -25.94 15.90
C LEU A 18 -9.60 -26.60 15.09
N ARG A 19 -9.50 -26.17 13.85
CA ARG A 19 -8.46 -26.66 12.95
C ARG A 19 -7.57 -25.45 12.71
N ILE A 20 -6.33 -25.53 13.17
CA ILE A 20 -5.40 -24.43 13.02
C ILE A 20 -4.23 -24.75 12.10
N LEU A 21 -3.87 -23.76 11.28
CA LEU A 21 -2.73 -23.90 10.38
C LEU A 21 -1.59 -22.97 10.85
N ILE A 22 -0.36 -23.51 10.82
CA ILE A 22 0.82 -22.74 11.17
C ILE A 22 1.82 -22.82 10.02
N VAL A 23 2.14 -21.68 9.43
CA VAL A 23 3.12 -21.63 8.36
C VAL A 23 4.28 -20.78 8.89
N HIS A 24 5.48 -21.33 8.89
CA HIS A 24 6.63 -20.59 9.37
C HIS A 24 7.73 -20.65 8.35
N ALA A 25 8.59 -19.64 8.34
CA ALA A 25 9.71 -19.57 7.42
C ALA A 25 10.85 -20.34 8.10
N ARG A 26 11.96 -20.49 7.39
CA ARG A 26 13.09 -21.22 7.95
C ARG A 26 14.34 -20.39 8.20
N TYR A 27 14.26 -19.09 7.97
CA TYR A 27 15.40 -18.21 8.24
C TYR A 27 15.42 -18.00 9.75
N ASN A 28 16.61 -17.99 10.34
CA ASN A 28 16.73 -17.77 11.78
C ASN A 28 15.95 -18.81 12.56
N LEU A 29 16.18 -20.07 12.22
CA LEU A 29 15.54 -21.21 12.85
C LEU A 29 15.70 -21.22 14.38
N GLN A 30 16.83 -20.71 14.88
CA GLN A 30 17.07 -20.69 16.32
C GLN A 30 15.95 -19.95 17.04
N ALA A 31 15.39 -18.94 16.37
CA ALA A 31 14.32 -18.15 16.96
C ALA A 31 12.94 -18.70 16.61
N ILE A 32 12.83 -19.28 15.43
CA ILE A 32 11.58 -19.83 14.97
C ILE A 32 11.07 -21.06 15.71
N GLU A 33 11.93 -22.03 15.96
CA GLU A 33 11.50 -23.22 16.66
C GLU A 33 10.80 -22.95 17.99
N PRO A 34 11.42 -22.17 18.89
CA PRO A 34 10.79 -21.89 20.18
C PRO A 34 9.40 -21.25 19.98
N LEU A 35 9.28 -20.38 18.98
CA LEU A 35 8.02 -19.70 18.69
C LEU A 35 6.93 -20.67 18.29
N VAL A 36 7.24 -21.59 17.38
CA VAL A 36 6.25 -22.60 16.97
C VAL A 36 5.86 -23.46 18.19
N LYS A 37 6.86 -23.94 18.94
CA LYS A 37 6.62 -24.74 20.13
C LYS A 37 5.63 -24.03 21.05
N GLY A 38 5.98 -22.79 21.40
CA GLY A 38 5.14 -22.00 22.30
C GLY A 38 3.71 -21.93 21.81
N ALA A 39 3.57 -21.63 20.53
CA ALA A 39 2.24 -21.54 19.94
C ALA A 39 1.48 -22.86 20.10
N VAL A 40 2.08 -23.95 19.61
CA VAL A 40 1.46 -25.27 19.69
C VAL A 40 1.12 -25.67 21.12
N GLU A 41 2.12 -25.66 22.00
CA GLU A 41 1.89 -26.04 23.38
C GLU A 41 0.77 -25.28 24.06
N THR A 42 0.76 -23.97 23.90
CA THR A 42 -0.28 -23.15 24.51
C THR A 42 -1.67 -23.55 24.01
N MET A 43 -1.83 -23.71 22.69
CA MET A 43 -3.12 -24.10 22.14
C MET A 43 -3.60 -25.42 22.73
N ILE A 44 -2.71 -26.40 22.77
CA ILE A 44 -3.01 -27.71 23.31
C ILE A 44 -3.29 -27.73 24.81
N GLU A 45 -2.32 -27.24 25.59
CA GLU A 45 -2.43 -27.22 27.03
C GLU A 45 -3.41 -26.22 27.64
N LYS A 46 -3.50 -25.02 27.08
CA LYS A 46 -4.42 -24.03 27.64
C LYS A 46 -5.77 -23.96 26.95
N HIS A 47 -5.86 -24.42 25.70
CA HIS A 47 -7.13 -24.30 25.00
C HIS A 47 -7.75 -25.59 24.48
N ASP A 48 -7.18 -26.72 24.86
CA ASP A 48 -7.70 -28.02 24.47
C ASP A 48 -7.76 -28.24 22.97
N VAL A 49 -6.80 -27.67 22.24
CA VAL A 49 -6.78 -27.87 20.81
C VAL A 49 -6.12 -29.24 20.62
N LYS A 50 -6.59 -30.00 19.65
CA LYS A 50 -6.03 -31.33 19.42
C LYS A 50 -4.85 -31.31 18.45
N LEU A 51 -3.77 -31.92 18.90
CA LEU A 51 -2.55 -32.03 18.12
C LEU A 51 -2.81 -32.45 16.67
N GLU A 52 -3.72 -33.40 16.46
CA GLU A 52 -4.03 -33.88 15.11
C GLU A 52 -4.67 -32.77 14.27
N ASN A 53 -5.24 -31.78 14.92
CA ASN A 53 -5.92 -30.69 14.25
C ASN A 53 -5.07 -29.49 13.96
N ILE A 54 -3.77 -29.63 14.14
CA ILE A 54 -2.83 -28.54 13.90
C ILE A 54 -1.87 -28.94 12.78
N ASP A 55 -1.94 -28.24 11.65
CA ASP A 55 -1.03 -28.53 10.54
C ASP A 55 0.11 -27.54 10.59
N ILE A 56 1.32 -28.04 10.35
CA ILE A 56 2.48 -27.18 10.35
C ILE A 56 3.24 -27.29 9.04
N GLU A 57 3.17 -26.23 8.24
CA GLU A 57 3.86 -26.15 6.97
C GLU A 57 5.03 -25.17 7.18
N SER A 58 5.94 -25.13 6.22
CA SER A 58 7.06 -24.23 6.31
C SER A 58 7.40 -23.74 4.90
N VAL A 59 8.08 -22.60 4.84
CA VAL A 59 8.48 -22.01 3.58
C VAL A 59 9.91 -21.52 3.80
N PRO A 60 10.64 -21.24 2.72
CA PRO A 60 12.01 -20.76 2.80
C PRO A 60 12.14 -19.52 3.69
N GLY A 61 11.57 -18.41 3.23
CA GLY A 61 11.64 -17.18 3.98
C GLY A 61 10.33 -16.46 4.19
N SER A 62 10.35 -15.37 4.96
CA SER A 62 9.16 -14.58 5.26
C SER A 62 8.42 -14.09 4.02
N TRP A 63 9.15 -13.89 2.93
CA TRP A 63 8.54 -13.42 1.69
C TRP A 63 7.51 -14.44 1.19
N GLU A 64 7.79 -15.72 1.40
CA GLU A 64 6.91 -16.78 0.95
C GLU A 64 5.68 -17.00 1.87
N LEU A 65 5.72 -16.41 3.06
CA LEU A 65 4.65 -16.55 4.04
C LEU A 65 3.24 -16.29 3.49
N PRO A 66 2.97 -15.10 2.93
CA PRO A 66 1.63 -14.83 2.40
C PRO A 66 1.21 -15.84 1.35
N GLN A 67 2.12 -16.13 0.42
CA GLN A 67 1.86 -17.08 -0.66
C GLN A 67 1.65 -18.51 -0.14
N GLY A 68 2.46 -18.92 0.84
CA GLY A 68 2.30 -20.24 1.41
C GLY A 68 0.94 -20.36 2.07
N ILE A 69 0.58 -19.36 2.85
CA ILE A 69 -0.71 -19.36 3.54
C ILE A 69 -1.89 -19.39 2.57
N ARG A 70 -1.82 -18.60 1.51
CA ARG A 70 -2.88 -18.53 0.53
C ARG A 70 -3.11 -19.88 -0.17
N ALA A 71 -2.02 -20.53 -0.57
CA ALA A 71 -2.10 -21.82 -1.21
C ALA A 71 -2.79 -22.84 -0.27
N SER A 72 -2.35 -22.91 0.98
CA SER A 72 -2.95 -23.83 1.92
C SER A 72 -4.41 -23.51 2.20
N ILE A 73 -4.75 -22.23 2.36
CA ILE A 73 -6.13 -21.81 2.63
C ILE A 73 -7.06 -22.33 1.52
N ALA A 74 -6.54 -22.45 0.31
CA ALA A 74 -7.33 -22.93 -0.81
C ALA A 74 -7.46 -24.46 -0.77
N ARG A 75 -6.39 -25.15 -0.36
CA ARG A 75 -6.38 -26.63 -0.25
C ARG A 75 -7.38 -27.12 0.80
N ASN A 76 -7.11 -26.82 2.07
CA ASN A 76 -7.98 -27.27 3.16
C ASN A 76 -8.76 -26.17 3.83
N THR A 77 -9.45 -26.53 4.92
CA THR A 77 -10.24 -25.57 5.66
C THR A 77 -9.69 -25.41 7.06
N TYR A 78 -9.45 -24.16 7.45
CA TYR A 78 -8.91 -23.87 8.76
C TYR A 78 -9.73 -22.77 9.44
N ASP A 79 -9.73 -22.77 10.76
CA ASP A 79 -10.46 -21.75 11.50
C ASP A 79 -9.59 -20.54 11.74
N ALA A 80 -8.27 -20.76 11.74
CA ALA A 80 -7.32 -19.69 11.95
C ALA A 80 -5.95 -20.16 11.50
N VAL A 81 -5.12 -19.20 11.11
CA VAL A 81 -3.76 -19.50 10.68
C VAL A 81 -2.80 -18.52 11.33
N ILE A 82 -1.61 -19.01 11.66
CA ILE A 82 -0.56 -18.20 12.27
C ILE A 82 0.64 -18.16 11.33
N GLY A 83 1.05 -16.94 10.96
CA GLY A 83 2.20 -16.77 10.09
C GLY A 83 3.39 -16.44 10.98
N ILE A 84 4.42 -17.27 10.95
CA ILE A 84 5.59 -17.04 11.79
C ILE A 84 6.87 -16.87 10.98
N GLY A 85 7.57 -15.77 11.23
CA GLY A 85 8.80 -15.51 10.51
C GLY A 85 9.65 -14.54 11.30
N VAL A 86 10.94 -14.49 11.00
CA VAL A 86 11.82 -13.59 11.71
C VAL A 86 12.68 -12.82 10.74
N LEU A 87 12.47 -11.51 10.69
CA LEU A 87 13.25 -10.65 9.82
C LEU A 87 14.22 -9.81 10.66
N ILE A 88 15.49 -9.86 10.29
CA ILE A 88 16.51 -9.10 11.02
C ILE A 88 17.12 -8.05 10.09
N LYS A 89 17.29 -6.83 10.60
CA LYS A 89 17.89 -5.74 9.85
C LYS A 89 19.30 -6.16 9.38
N GLY A 90 19.60 -5.93 8.10
CA GLY A 90 20.91 -6.25 7.56
C GLY A 90 21.62 -4.95 7.22
N SER A 91 22.48 -4.97 6.21
CA SER A 91 23.23 -3.78 5.82
C SER A 91 22.53 -2.98 4.73
N THR A 92 21.55 -3.59 4.08
CA THR A 92 20.83 -2.92 3.01
C THR A 92 19.40 -2.58 3.43
N MET A 93 18.61 -2.07 2.48
CA MET A 93 17.22 -1.69 2.73
C MET A 93 16.29 -2.88 2.54
N HIS A 94 16.90 -4.02 2.26
CA HIS A 94 16.17 -5.26 2.03
C HIS A 94 15.14 -5.52 3.13
N PHE A 95 15.59 -5.42 4.37
CA PHE A 95 14.74 -5.65 5.54
C PHE A 95 13.48 -4.78 5.55
N GLU A 96 13.66 -3.49 5.31
CA GLU A 96 12.55 -2.55 5.33
C GLU A 96 11.49 -2.88 4.29
N TYR A 97 11.91 -3.12 3.06
CA TYR A 97 10.98 -3.42 1.98
C TYR A 97 10.29 -4.77 2.10
N ILE A 98 11.02 -5.80 2.50
CA ILE A 98 10.42 -7.11 2.66
C ILE A 98 9.38 -7.05 3.79
N SER A 99 9.76 -6.41 4.89
CA SER A 99 8.89 -6.29 6.07
C SER A 99 7.56 -5.65 5.71
N GLU A 100 7.64 -4.50 5.07
CA GLU A 100 6.44 -3.80 4.68
C GLU A 100 5.56 -4.67 3.77
N ALA A 101 6.19 -5.29 2.77
CA ALA A 101 5.44 -6.12 1.84
C ALA A 101 4.81 -7.37 2.45
N VAL A 102 5.50 -8.01 3.39
CA VAL A 102 4.96 -9.21 4.02
C VAL A 102 3.81 -8.88 4.93
N VAL A 103 3.94 -7.81 5.71
CA VAL A 103 2.89 -7.41 6.63
C VAL A 103 1.61 -7.06 5.84
N HIS A 104 1.74 -6.29 4.77
CA HIS A 104 0.55 -5.96 3.97
C HIS A 104 0.00 -7.23 3.33
N GLY A 105 0.90 -8.12 2.90
CA GLY A 105 0.47 -9.37 2.28
C GLY A 105 -0.37 -10.23 3.18
N LEU A 106 0.10 -10.41 4.42
CA LEU A 106 -0.61 -11.23 5.39
C LEU A 106 -1.99 -10.64 5.66
N MET A 107 -2.07 -9.31 5.79
CA MET A 107 -3.33 -8.66 6.06
C MET A 107 -4.28 -8.91 4.88
N ARG A 108 -3.76 -8.80 3.67
CA ARG A 108 -4.60 -9.01 2.49
C ARG A 108 -5.16 -10.43 2.45
N VAL A 109 -4.31 -11.43 2.64
CA VAL A 109 -4.75 -12.81 2.60
C VAL A 109 -5.87 -13.09 3.60
N GLY A 110 -5.75 -12.53 4.80
CA GLY A 110 -6.79 -12.71 5.79
C GLY A 110 -8.09 -12.02 5.41
N LEU A 111 -8.00 -10.78 4.94
CA LEU A 111 -9.20 -10.03 4.55
C LEU A 111 -9.85 -10.62 3.32
N ASP A 112 -9.03 -11.07 2.38
CA ASP A 112 -9.52 -11.69 1.14
C ASP A 112 -10.25 -13.00 1.42
N SER A 113 -9.64 -13.86 2.22
CA SER A 113 -10.20 -15.17 2.54
C SER A 113 -11.25 -15.20 3.63
N GLY A 114 -11.22 -14.24 4.54
CA GLY A 114 -12.18 -14.27 5.62
C GLY A 114 -11.67 -15.17 6.73
N VAL A 115 -10.47 -15.73 6.55
CA VAL A 115 -9.87 -16.59 7.58
C VAL A 115 -8.92 -15.74 8.44
N PRO A 116 -9.08 -15.80 9.77
CA PRO A 116 -8.21 -15.02 10.67
C PRO A 116 -6.76 -15.40 10.48
N VAL A 117 -5.90 -14.40 10.28
CA VAL A 117 -4.47 -14.62 10.11
C VAL A 117 -3.78 -13.91 11.26
N ILE A 118 -3.13 -14.68 12.13
CA ILE A 118 -2.40 -14.13 13.28
C ILE A 118 -0.98 -13.80 12.88
N LEU A 119 -0.53 -12.61 13.27
CA LEU A 119 0.80 -12.13 12.94
C LEU A 119 1.91 -12.59 13.91
N GLY A 120 2.68 -13.59 13.49
CA GLY A 120 3.78 -14.09 14.29
C GLY A 120 5.08 -13.70 13.59
N LEU A 121 5.11 -12.46 13.11
CA LEU A 121 6.27 -11.92 12.42
C LEU A 121 7.08 -11.05 13.37
N LEU A 122 8.37 -11.31 13.48
CA LEU A 122 9.22 -10.48 14.32
C LEU A 122 10.08 -9.69 13.35
N THR A 123 10.10 -8.37 13.52
CA THR A 123 10.90 -7.47 12.69
C THR A 123 11.82 -6.75 13.68
N VAL A 124 13.00 -7.33 13.87
CA VAL A 124 13.97 -6.85 14.84
C VAL A 124 15.28 -6.29 14.28
N LEU A 125 16.03 -5.56 15.13
CA LEU A 125 17.29 -4.96 14.72
C LEU A 125 18.44 -5.94 14.75
N ASN A 126 18.32 -6.98 15.56
CA ASN A 126 19.37 -7.97 15.68
C ASN A 126 18.86 -9.26 16.31
N GLU A 127 19.69 -10.30 16.25
CA GLU A 127 19.40 -11.63 16.78
C GLU A 127 18.91 -11.67 18.22
N GLU A 128 19.65 -11.00 19.10
CA GLU A 128 19.31 -10.96 20.52
C GLU A 128 17.82 -10.61 20.72
N GLN A 129 17.34 -9.57 20.04
CA GLN A 129 15.96 -9.16 20.16
C GLN A 129 15.00 -10.28 19.76
N ALA A 130 15.36 -11.05 18.74
CA ALA A 130 14.52 -12.14 18.28
C ALA A 130 14.47 -13.23 19.36
N LEU A 131 15.65 -13.72 19.73
CA LEU A 131 15.75 -14.76 20.76
C LEU A 131 14.98 -14.38 22.02
N TYR A 132 15.11 -13.13 22.43
CA TYR A 132 14.45 -12.62 23.62
C TYR A 132 12.94 -12.75 23.53
N ARG A 133 12.39 -12.41 22.37
CA ARG A 133 10.96 -12.48 22.20
C ARG A 133 10.49 -13.90 21.93
N ALA A 134 11.44 -14.82 21.84
CA ALA A 134 11.17 -16.24 21.62
C ALA A 134 11.25 -16.96 22.96
N GLY A 135 11.37 -16.19 24.05
CA GLY A 135 11.43 -16.78 25.37
C GLY A 135 12.79 -17.14 25.94
N LEU A 136 13.86 -16.93 25.17
CA LEU A 136 15.20 -17.22 25.65
C LEU A 136 15.75 -16.01 26.41
N ASN A 137 16.89 -16.20 27.06
CA ASN A 137 17.59 -15.15 27.82
C ASN A 137 16.70 -14.25 28.66
N GLY A 138 15.77 -14.87 29.39
CA GLY A 138 14.89 -14.11 30.27
C GLY A 138 13.66 -13.49 29.63
N GLY A 139 13.49 -13.70 28.31
CA GLY A 139 12.33 -13.14 27.63
C GLY A 139 11.06 -13.98 27.72
N HIS A 140 9.96 -13.40 27.25
CA HIS A 140 8.67 -14.06 27.23
C HIS A 140 8.41 -14.62 25.82
N ASN A 141 8.04 -15.90 25.72
CA ASN A 141 7.78 -16.46 24.40
C ASN A 141 6.48 -15.89 23.84
N HIS A 142 6.59 -15.15 22.73
CA HIS A 142 5.44 -14.54 22.08
C HIS A 142 4.57 -15.53 21.31
N GLY A 143 5.13 -16.70 20.99
CA GLY A 143 4.36 -17.70 20.29
C GLY A 143 3.16 -18.09 21.14
N ASN A 144 3.33 -18.05 22.45
CA ASN A 144 2.24 -18.37 23.35
C ASN A 144 1.06 -17.47 23.09
N ASP A 145 1.32 -16.17 23.09
CA ASP A 145 0.25 -15.19 22.84
C ASP A 145 -0.43 -15.46 21.51
N TRP A 146 0.36 -15.76 20.49
CA TRP A 146 -0.17 -16.02 19.17
C TRP A 146 -1.09 -17.24 19.20
N GLY A 147 -0.71 -18.23 20.00
CA GLY A 147 -1.52 -19.43 20.12
C GLY A 147 -2.91 -19.08 20.63
N SER A 148 -2.97 -18.31 21.71
CA SER A 148 -4.24 -17.92 22.29
C SER A 148 -5.06 -17.05 21.33
N ALA A 149 -4.37 -16.16 20.60
CA ALA A 149 -5.04 -15.28 19.65
C ALA A 149 -5.69 -16.09 18.53
N ALA A 150 -4.97 -17.11 18.06
CA ALA A 150 -5.51 -17.97 17.01
C ALA A 150 -6.79 -18.65 17.50
N VAL A 151 -6.73 -19.25 18.68
CA VAL A 151 -7.90 -19.93 19.21
C VAL A 151 -9.08 -18.95 19.32
N GLU A 152 -8.81 -17.80 19.91
CA GLU A 152 -9.87 -16.83 20.08
C GLU A 152 -10.52 -16.37 18.78
N MET A 153 -9.71 -16.02 17.79
CA MET A 153 -10.24 -15.55 16.52
C MET A 153 -10.95 -16.67 15.77
N GLY A 154 -10.47 -17.90 15.95
CA GLY A 154 -11.09 -19.04 15.28
C GLY A 154 -12.51 -19.24 15.78
N LEU A 155 -12.69 -19.15 17.10
CA LEU A 155 -14.01 -19.32 17.70
C LEU A 155 -14.93 -18.18 17.29
N LYS A 156 -14.47 -16.93 17.45
CA LYS A 156 -15.29 -15.78 17.10
C LYS A 156 -15.69 -15.83 15.63
N ALA A 157 -14.95 -16.58 14.82
CA ALA A 157 -15.25 -16.70 13.39
C ALA A 157 -16.46 -17.62 13.19
N LEU A 158 -16.64 -18.58 14.07
CA LEU A 158 -17.77 -19.50 14.01
C LEU A 158 -18.93 -18.92 14.82
N LEU B 13 -26.94 16.68 16.00
CA LEU B 13 -27.26 15.44 15.21
C LEU B 13 -27.63 14.28 16.11
N LYS B 14 -28.80 13.70 15.87
CA LYS B 14 -29.28 12.57 16.67
C LYS B 14 -29.58 11.38 15.78
N GLY B 15 -29.28 10.18 16.26
CA GLY B 15 -29.52 9.00 15.48
C GLY B 15 -30.12 7.92 16.32
N PRO B 16 -31.40 8.05 16.68
CA PRO B 16 -32.12 7.07 17.51
C PRO B 16 -32.20 5.71 16.84
N GLU B 17 -32.22 5.70 15.52
CA GLU B 17 -32.32 4.48 14.75
C GLU B 17 -30.99 3.86 14.33
N LEU B 18 -29.89 4.55 14.62
CA LEU B 18 -28.57 4.06 14.23
C LEU B 18 -28.12 2.84 15.00
N ARG B 19 -27.49 1.92 14.27
CA ARG B 19 -26.95 0.70 14.84
C ARG B 19 -25.44 0.87 14.68
N ILE B 20 -24.74 0.97 15.81
CA ILE B 20 -23.31 1.15 15.81
C ILE B 20 -22.53 -0.03 16.37
N LEU B 21 -21.43 -0.36 15.70
CA LEU B 21 -20.57 -1.46 16.15
C LEU B 21 -19.25 -0.88 16.65
N ILE B 22 -18.76 -1.40 17.76
CA ILE B 22 -17.48 -0.98 18.32
C ILE B 22 -16.63 -2.23 18.55
N VAL B 23 -15.49 -2.30 17.86
CA VAL B 23 -14.57 -3.41 18.03
C VAL B 23 -13.30 -2.78 18.60
N HIS B 24 -12.83 -3.31 19.72
CA HIS B 24 -11.62 -2.78 20.37
C HIS B 24 -10.69 -3.93 20.69
N ALA B 25 -9.39 -3.63 20.72
CA ALA B 25 -8.39 -4.63 21.04
C ALA B 25 -8.28 -4.64 22.56
N ARG B 26 -7.48 -5.56 23.09
CA ARG B 26 -7.34 -5.65 24.53
C ARG B 26 -5.97 -5.33 25.06
N TYR B 27 -5.05 -4.90 24.19
CA TYR B 27 -3.71 -4.50 24.62
C TYR B 27 -3.85 -3.10 25.20
N ASN B 28 -3.17 -2.84 26.30
CA ASN B 28 -3.22 -1.52 26.93
C ASN B 28 -4.64 -1.14 27.34
N LEU B 29 -5.28 -2.07 28.04
CA LEU B 29 -6.65 -1.90 28.51
C LEU B 29 -6.86 -0.64 29.36
N GLN B 30 -5.82 -0.20 30.06
CA GLN B 30 -5.92 1.01 30.89
C GLN B 30 -6.32 2.21 30.02
N ALA B 31 -5.87 2.21 28.77
CA ALA B 31 -6.18 3.30 27.86
C ALA B 31 -7.44 3.03 27.07
N ILE B 32 -7.69 1.76 26.77
CA ILE B 32 -8.83 1.37 25.98
C ILE B 32 -10.19 1.55 26.63
N GLU B 33 -10.32 1.14 27.89
CA GLU B 33 -11.60 1.29 28.55
C GLU B 33 -12.15 2.72 28.53
N PRO B 34 -11.36 3.71 28.96
CA PRO B 34 -11.88 5.09 28.95
C PRO B 34 -12.35 5.50 27.55
N LEU B 35 -11.62 5.04 26.52
CA LEU B 35 -11.95 5.37 25.14
C LEU B 35 -13.31 4.82 24.72
N VAL B 36 -13.55 3.55 25.04
CA VAL B 36 -14.84 2.93 24.71
C VAL B 36 -15.95 3.67 25.47
N LYS B 37 -15.74 3.89 26.77
CA LYS B 37 -16.72 4.60 27.61
C LYS B 37 -17.06 5.93 26.96
N GLY B 38 -16.04 6.74 26.68
CA GLY B 38 -16.26 8.04 26.07
C GLY B 38 -17.09 7.96 24.81
N ALA B 39 -16.73 7.02 23.93
CA ALA B 39 -17.46 6.85 22.69
C ALA B 39 -18.93 6.52 22.97
N VAL B 40 -19.16 5.49 23.79
CA VAL B 40 -20.52 5.08 24.10
C VAL B 40 -21.34 6.21 24.75
N GLU B 41 -20.84 6.76 25.84
CA GLU B 41 -21.53 7.83 26.54
C GLU B 41 -21.91 8.98 25.64
N THR B 42 -20.95 9.44 24.84
CA THR B 42 -21.22 10.56 23.95
C THR B 42 -22.35 10.24 22.97
N MET B 43 -22.29 9.07 22.34
CA MET B 43 -23.35 8.69 21.39
C MET B 43 -24.72 8.70 22.04
N ILE B 44 -24.81 8.09 23.22
CA ILE B 44 -26.05 8.02 23.98
C ILE B 44 -26.54 9.38 24.50
N GLU B 45 -25.70 10.05 25.27
CA GLU B 45 -26.05 11.34 25.84
C GLU B 45 -26.16 12.51 24.88
N LYS B 46 -25.27 12.61 23.90
CA LYS B 46 -25.32 13.74 22.98
C LYS B 46 -26.04 13.47 21.68
N HIS B 47 -26.19 12.21 21.30
CA HIS B 47 -26.83 11.92 20.03
C HIS B 47 -28.06 11.01 20.06
N ASP B 48 -28.52 10.71 21.26
CA ASP B 48 -29.71 9.87 21.43
C ASP B 48 -29.60 8.49 20.80
N VAL B 49 -28.41 7.92 20.84
CA VAL B 49 -28.25 6.58 20.29
C VAL B 49 -28.72 5.67 21.41
N LYS B 50 -29.36 4.57 21.07
CA LYS B 50 -29.85 3.64 22.07
C LYS B 50 -28.86 2.56 22.47
N LEU B 51 -28.64 2.43 23.76
CA LEU B 51 -27.73 1.46 24.33
C LEU B 51 -27.90 0.08 23.68
N GLU B 52 -29.14 -0.34 23.46
CA GLU B 52 -29.41 -1.65 22.86
C GLU B 52 -28.91 -1.75 21.43
N ASN B 53 -28.75 -0.60 20.80
CA ASN B 53 -28.30 -0.54 19.42
C ASN B 53 -26.80 -0.42 19.22
N ILE B 54 -26.04 -0.60 20.29
CA ILE B 54 -24.59 -0.51 20.25
C ILE B 54 -23.98 -1.85 20.62
N ASP B 55 -23.31 -2.51 19.66
CA ASP B 55 -22.67 -3.78 19.95
C ASP B 55 -21.20 -3.53 20.24
N ILE B 56 -20.67 -4.23 21.23
CA ILE B 56 -19.27 -4.06 21.56
C ILE B 56 -18.56 -5.41 21.54
N GLU B 57 -17.71 -5.60 20.54
CA GLU B 57 -16.92 -6.82 20.40
C GLU B 57 -15.49 -6.45 20.79
N SER B 58 -14.64 -7.45 20.96
CA SER B 58 -13.24 -7.18 21.26
C SER B 58 -12.39 -8.24 20.58
N VAL B 59 -11.11 -7.93 20.40
CA VAL B 59 -10.16 -8.84 19.77
C VAL B 59 -8.88 -8.71 20.59
N PRO B 60 -7.97 -9.68 20.45
CA PRO B 60 -6.71 -9.67 21.17
C PRO B 60 -5.93 -8.37 20.98
N GLY B 61 -5.44 -8.14 19.77
CA GLY B 61 -4.66 -6.95 19.48
C GLY B 61 -5.12 -6.16 18.24
N SER B 62 -4.51 -4.99 18.03
CA SER B 62 -4.85 -4.13 16.90
C SER B 62 -4.79 -4.82 15.55
N TRP B 63 -3.90 -5.79 15.42
CA TRP B 63 -3.76 -6.53 14.18
C TRP B 63 -5.09 -7.22 13.82
N GLU B 64 -5.83 -7.68 14.83
CA GLU B 64 -7.10 -8.36 14.60
C GLU B 64 -8.26 -7.42 14.31
N LEU B 65 -8.04 -6.13 14.52
CA LEU B 65 -9.07 -5.13 14.29
C LEU B 65 -9.77 -5.19 12.93
N PRO B 66 -9.00 -5.07 11.82
CA PRO B 66 -9.65 -5.11 10.51
C PRO B 66 -10.43 -6.41 10.28
N GLN B 67 -9.81 -7.52 10.66
CA GLN B 67 -10.42 -8.84 10.49
C GLN B 67 -11.67 -8.99 11.37
N GLY B 68 -11.60 -8.53 12.61
CA GLY B 68 -12.76 -8.61 13.47
C GLY B 68 -13.90 -7.79 12.89
N ILE B 69 -13.60 -6.57 12.46
CA ILE B 69 -14.63 -5.72 11.89
C ILE B 69 -15.26 -6.33 10.65
N ARG B 70 -14.44 -6.86 9.75
CA ARG B 70 -14.94 -7.46 8.52
C ARG B 70 -15.89 -8.62 8.80
N ALA B 71 -15.51 -9.50 9.72
CA ALA B 71 -16.34 -10.63 10.08
C ALA B 71 -17.70 -10.14 10.57
N SER B 72 -17.71 -9.19 11.50
CA SER B 72 -18.95 -8.67 12.04
C SER B 72 -19.81 -7.97 10.97
N ILE B 73 -19.17 -7.19 10.11
CA ILE B 73 -19.88 -6.48 9.04
C ILE B 73 -20.66 -7.46 8.17
N ALA B 74 -20.15 -8.69 8.06
CA ALA B 74 -20.80 -9.72 7.26
C ALA B 74 -21.97 -10.35 8.03
N ARG B 75 -21.80 -10.53 9.34
CA ARG B 75 -22.84 -11.11 10.19
C ARG B 75 -24.08 -10.21 10.25
N ASN B 76 -23.94 -9.05 10.87
CA ASN B 76 -25.06 -8.13 11.01
C ASN B 76 -24.96 -6.87 10.18
N THR B 77 -25.92 -5.97 10.38
CA THR B 77 -25.95 -4.70 9.67
C THR B 77 -25.74 -3.54 10.63
N TYR B 78 -24.77 -2.69 10.28
CA TYR B 78 -24.46 -1.52 11.08
C TYR B 78 -24.39 -0.28 10.21
N ASP B 79 -24.63 0.86 10.82
CA ASP B 79 -24.59 2.12 10.09
C ASP B 79 -23.19 2.68 10.13
N ALA B 80 -22.47 2.32 11.17
CA ALA B 80 -21.10 2.78 11.34
C ALA B 80 -20.40 1.88 12.35
N VAL B 81 -19.07 1.81 12.24
CA VAL B 81 -18.28 1.02 13.14
C VAL B 81 -17.07 1.84 13.58
N ILE B 82 -16.65 1.64 14.82
CA ILE B 82 -15.49 2.33 15.37
C ILE B 82 -14.44 1.30 15.75
N GLY B 83 -13.24 1.43 15.18
CA GLY B 83 -12.15 0.52 15.49
C GLY B 83 -11.27 1.18 16.55
N ILE B 84 -11.15 0.56 17.71
CA ILE B 84 -10.34 1.15 18.77
C ILE B 84 -9.19 0.25 19.20
N GLY B 85 -7.99 0.83 19.23
CA GLY B 85 -6.82 0.06 19.61
C GLY B 85 -5.72 1.03 20.01
N VAL B 86 -4.73 0.52 20.75
CA VAL B 86 -3.64 1.36 21.19
C VAL B 86 -2.32 0.68 20.91
N LEU B 87 -1.53 1.29 20.03
CA LEU B 87 -0.22 0.77 19.68
C LEU B 87 0.85 1.68 20.28
N ILE B 88 1.79 1.09 21.00
CA ILE B 88 2.86 1.83 21.62
C ILE B 88 4.19 1.38 21.07
N LYS B 89 5.05 2.34 20.71
CA LYS B 89 6.39 2.06 20.20
C LYS B 89 7.17 1.17 21.19
N GLY B 90 7.79 0.10 20.68
CA GLY B 90 8.57 -0.76 21.55
C GLY B 90 10.03 -0.63 21.16
N SER B 91 10.80 -1.70 21.31
CA SER B 91 12.23 -1.65 20.97
C SER B 91 12.52 -2.06 19.54
N THR B 92 11.57 -2.73 18.91
CA THR B 92 11.77 -3.20 17.54
C THR B 92 10.95 -2.37 16.53
N MET B 93 10.92 -2.81 15.28
CA MET B 93 10.19 -2.12 14.21
C MET B 93 8.76 -2.62 14.13
N HIS B 94 8.43 -3.53 15.04
CA HIS B 94 7.12 -4.12 15.13
C HIS B 94 6.02 -3.07 15.08
N PHE B 95 6.15 -2.05 15.91
CA PHE B 95 5.18 -0.97 15.98
C PHE B 95 4.91 -0.31 14.64
N GLU B 96 5.98 0.06 13.95
CA GLU B 96 5.87 0.71 12.65
C GLU B 96 5.12 -0.11 11.62
N TYR B 97 5.48 -1.37 11.48
CA TYR B 97 4.84 -2.22 10.50
C TYR B 97 3.40 -2.60 10.83
N ILE B 98 3.10 -2.89 12.09
CA ILE B 98 1.73 -3.21 12.47
C ILE B 98 0.83 -1.98 12.25
N SER B 99 1.33 -0.81 12.64
CA SER B 99 0.56 0.41 12.51
C SER B 99 0.15 0.68 11.07
N GLU B 100 1.14 0.65 10.19
CA GLU B 100 0.90 0.90 8.80
C GLU B 100 -0.10 -0.11 8.25
N ALA B 101 0.08 -1.38 8.59
CA ALA B 101 -0.82 -2.41 8.08
C ALA B 101 -2.26 -2.30 8.60
N VAL B 102 -2.41 -1.95 9.86
CA VAL B 102 -3.75 -1.85 10.44
C VAL B 102 -4.51 -0.64 9.89
N VAL B 103 -3.80 0.47 9.75
CA VAL B 103 -4.45 1.66 9.23
C VAL B 103 -4.93 1.40 7.79
N HIS B 104 -4.09 0.82 6.95
CA HIS B 104 -4.51 0.52 5.58
C HIS B 104 -5.66 -0.49 5.60
N GLY B 105 -5.57 -1.47 6.50
CA GLY B 105 -6.58 -2.49 6.63
C GLY B 105 -7.96 -1.92 6.94
N LEU B 106 -8.02 -1.02 7.92
CA LEU B 106 -9.27 -0.40 8.32
C LEU B 106 -9.87 0.41 7.17
N MET B 107 -9.03 1.14 6.47
CA MET B 107 -9.49 1.92 5.33
C MET B 107 -10.08 0.97 4.27
N ARG B 108 -9.39 -0.14 4.03
CA ARG B 108 -9.87 -1.08 3.02
C ARG B 108 -11.25 -1.62 3.38
N VAL B 109 -11.38 -2.09 4.60
CA VAL B 109 -12.65 -2.66 5.05
C VAL B 109 -13.82 -1.67 4.87
N GLY B 110 -13.58 -0.41 5.21
CA GLY B 110 -14.62 0.58 5.03
C GLY B 110 -14.95 0.83 3.56
N LEU B 111 -13.92 0.98 2.73
CA LEU B 111 -14.16 1.23 1.30
C LEU B 111 -14.78 0.02 0.61
N ASP B 112 -14.33 -1.18 1.00
CA ASP B 112 -14.85 -2.43 0.43
C ASP B 112 -16.32 -2.62 0.77
N SER B 113 -16.65 -2.47 2.04
CA SER B 113 -18.02 -2.66 2.52
C SER B 113 -18.99 -1.51 2.31
N GLY B 114 -18.49 -0.28 2.24
CA GLY B 114 -19.37 0.85 2.09
C GLY B 114 -19.86 1.27 3.47
N VAL B 115 -19.41 0.59 4.52
CA VAL B 115 -19.81 0.96 5.86
C VAL B 115 -18.74 1.88 6.45
N PRO B 116 -19.15 3.05 6.98
CA PRO B 116 -18.18 3.99 7.55
C PRO B 116 -17.41 3.38 8.72
N VAL B 117 -16.08 3.45 8.64
CA VAL B 117 -15.24 2.94 9.70
C VAL B 117 -14.50 4.11 10.32
N ILE B 118 -14.76 4.38 11.59
CA ILE B 118 -14.13 5.47 12.32
C ILE B 118 -12.82 4.97 12.96
N LEU B 119 -11.77 5.76 12.79
CA LEU B 119 -10.45 5.43 13.29
C LEU B 119 -10.20 5.80 14.75
N GLY B 120 -10.27 4.80 15.64
CA GLY B 120 -10.01 5.04 17.05
C GLY B 120 -8.71 4.35 17.42
N LEU B 121 -7.73 4.47 16.53
CA LEU B 121 -6.43 3.87 16.73
C LEU B 121 -5.45 4.92 17.23
N LEU B 122 -4.78 4.64 18.35
CA LEU B 122 -3.79 5.59 18.86
C LEU B 122 -2.45 4.93 18.58
N THR B 123 -1.55 5.67 17.96
CA THR B 123 -0.20 5.19 17.63
C THR B 123 0.73 6.17 18.32
N VAL B 124 1.13 5.79 19.53
CA VAL B 124 1.93 6.67 20.39
C VAL B 124 3.33 6.20 20.73
N LEU B 125 4.16 7.10 21.24
CA LEU B 125 5.54 6.74 21.60
C LEU B 125 5.63 6.06 22.96
N ASN B 126 4.67 6.34 23.84
CA ASN B 126 4.68 5.75 25.17
C ASN B 126 3.29 5.81 25.82
N GLU B 127 3.15 5.11 26.94
CA GLU B 127 1.90 5.05 27.70
C GLU B 127 1.26 6.37 28.06
N GLU B 128 2.07 7.29 28.58
CA GLU B 128 1.58 8.59 28.98
C GLU B 128 0.77 9.23 27.86
N GLN B 129 1.31 9.21 26.65
CA GLN B 129 0.58 9.79 25.52
C GLN B 129 -0.79 9.13 25.28
N ALA B 130 -0.86 7.83 25.50
CA ALA B 130 -2.12 7.12 25.29
C ALA B 130 -3.13 7.55 26.34
N LEU B 131 -2.74 7.41 27.61
CA LEU B 131 -3.60 7.80 28.73
C LEU B 131 -4.10 9.23 28.55
N TYR B 132 -3.20 10.12 28.15
CA TYR B 132 -3.57 11.52 27.96
C TYR B 132 -4.68 11.70 26.93
N ARG B 133 -4.59 10.97 25.84
CA ARG B 133 -5.59 11.09 24.80
C ARG B 133 -6.85 10.30 25.14
N ALA B 134 -6.80 9.61 26.28
CA ALA B 134 -7.93 8.83 26.76
C ALA B 134 -8.65 9.65 27.85
N GLY B 135 -8.26 10.91 28.01
CA GLY B 135 -8.91 11.76 28.98
C GLY B 135 -8.32 11.80 30.37
N LEU B 136 -7.27 11.01 30.63
CA LEU B 136 -6.65 11.02 31.94
C LEU B 136 -5.58 12.11 32.01
N ASN B 137 -5.08 12.35 33.23
CA ASN B 137 -4.03 13.34 33.48
C ASN B 137 -4.18 14.66 32.75
N GLY B 138 -5.40 15.20 32.79
CA GLY B 138 -5.65 16.49 32.16
C GLY B 138 -5.92 16.47 30.67
N GLY B 139 -5.93 15.28 30.06
CA GLY B 139 -6.18 15.20 28.64
C GLY B 139 -7.65 15.16 28.25
N HIS B 140 -7.91 15.25 26.95
CA HIS B 140 -9.26 15.20 26.41
C HIS B 140 -9.55 13.78 25.90
N ASN B 141 -10.68 13.19 26.29
CA ASN B 141 -11.00 11.84 25.81
C ASN B 141 -11.39 11.88 24.33
N HIS B 142 -10.57 11.26 23.49
CA HIS B 142 -10.79 11.21 22.05
C HIS B 142 -11.93 10.28 21.62
N GLY B 143 -12.29 9.35 22.51
CA GLY B 143 -13.39 8.44 22.23
C GLY B 143 -14.66 9.23 22.00
N ASN B 144 -14.79 10.36 22.69
CA ASN B 144 -15.96 11.21 22.52
C ASN B 144 -16.07 11.65 21.06
N ASP B 145 -15.00 12.21 20.52
CA ASP B 145 -14.99 12.67 19.14
C ASP B 145 -15.35 11.53 18.20
N TRP B 146 -14.82 10.35 18.48
CA TRP B 146 -15.10 9.20 17.64
C TRP B 146 -16.59 8.85 17.68
N GLY B 147 -17.19 9.02 18.85
CA GLY B 147 -18.60 8.75 19.00
C GLY B 147 -19.41 9.66 18.10
N SER B 148 -19.13 10.95 18.14
CA SER B 148 -19.84 11.89 17.28
C SER B 148 -19.60 11.60 15.80
N ALA B 149 -18.36 11.27 15.44
CA ALA B 149 -18.03 10.99 14.05
C ALA B 149 -18.83 9.81 13.53
N ALA B 150 -18.95 8.77 14.36
CA ALA B 150 -19.69 7.58 13.99
C ALA B 150 -21.14 7.95 13.69
N VAL B 151 -21.77 8.67 14.61
CA VAL B 151 -23.15 9.09 14.42
C VAL B 151 -23.29 9.86 13.13
N GLU B 152 -22.46 10.88 12.95
CA GLU B 152 -22.53 11.67 11.74
C GLU B 152 -22.38 10.88 10.44
N MET B 153 -21.37 10.02 10.35
CA MET B 153 -21.15 9.26 9.14
C MET B 153 -22.27 8.24 8.92
N GLY B 154 -22.82 7.73 10.01
CA GLY B 154 -23.91 6.76 9.89
C GLY B 154 -25.12 7.40 9.24
N LEU B 155 -25.46 8.61 9.67
CA LEU B 155 -26.59 9.34 9.13
C LEU B 155 -26.35 9.70 7.67
N LYS B 156 -25.19 10.30 7.38
CA LYS B 156 -24.88 10.70 6.01
C LYS B 156 -24.89 9.50 5.07
N ALA B 157 -24.75 8.30 5.64
CA ALA B 157 -24.75 7.09 4.83
C ALA B 157 -26.17 6.76 4.39
N LEU B 158 -27.16 7.11 5.23
CA LEU B 158 -28.56 6.86 4.93
C LEU B 158 -29.12 8.08 4.17
N LEU C 13 -10.24 27.25 -20.25
CA LEU C 13 -11.16 26.09 -20.20
C LEU C 13 -12.41 26.40 -19.39
N LYS C 14 -13.58 26.19 -19.99
CA LYS C 14 -14.84 26.45 -19.29
C LYS C 14 -15.69 25.20 -19.26
N GLY C 15 -16.40 25.00 -18.15
CA GLY C 15 -17.24 23.83 -18.02
C GLY C 15 -18.59 24.21 -17.43
N PRO C 16 -19.47 24.87 -18.23
CA PRO C 16 -20.80 25.29 -17.78
C PRO C 16 -21.69 24.11 -17.40
N GLU C 17 -21.43 22.96 -18.02
CA GLU C 17 -22.21 21.75 -17.78
C GLU C 17 -21.63 20.80 -16.72
N LEU C 18 -20.44 21.14 -16.22
CA LEU C 18 -19.79 20.30 -15.23
C LEU C 18 -20.46 20.30 -13.89
N ARG C 19 -20.52 19.11 -13.30
CA ARG C 19 -21.10 18.92 -11.98
C ARG C 19 -19.92 18.54 -11.09
N ILE C 20 -19.59 19.42 -10.15
CA ILE C 20 -18.46 19.17 -9.27
C ILE C 20 -18.85 18.94 -7.81
N LEU C 21 -18.20 17.96 -7.19
CA LEU C 21 -18.44 17.68 -5.79
C LEU C 21 -17.21 18.09 -4.95
N ILE C 22 -17.46 18.71 -3.80
CA ILE C 22 -16.38 19.10 -2.89
C ILE C 22 -16.69 18.54 -1.51
N VAL C 23 -15.82 17.67 -1.02
CA VAL C 23 -15.98 17.11 0.32
C VAL C 23 -14.77 17.61 1.11
N HIS C 24 -15.04 18.26 2.25
CA HIS C 24 -13.98 18.78 3.08
C HIS C 24 -14.19 18.33 4.51
N ALA C 25 -13.09 18.22 5.26
CA ALA C 25 -13.16 17.81 6.65
C ALA C 25 -13.39 19.08 7.46
N ARG C 26 -13.57 18.94 8.76
CA ARG C 26 -13.81 20.11 9.58
C ARG C 26 -12.73 20.43 10.59
N TYR C 27 -11.64 19.68 10.57
CA TYR C 27 -10.51 19.95 11.47
C TYR C 27 -9.76 21.11 10.88
N ASN C 28 -9.30 22.03 11.73
CA ASN C 28 -8.55 23.18 11.24
C ASN C 28 -9.35 24.01 10.24
N LEU C 29 -10.58 24.32 10.64
CA LEU C 29 -11.50 25.11 9.83
C LEU C 29 -10.93 26.46 9.38
N GLN C 30 -10.05 27.05 10.18
CA GLN C 30 -9.45 28.34 9.83
C GLN C 30 -8.74 28.24 8.49
N ALA C 31 -8.16 27.07 8.21
CA ALA C 31 -7.44 26.84 6.97
C ALA C 31 -8.35 26.30 5.88
N ILE C 32 -9.33 25.50 6.28
CA ILE C 32 -10.24 24.89 5.34
C ILE C 32 -11.20 25.83 4.62
N GLU C 33 -11.81 26.76 5.33
CA GLU C 33 -12.74 27.70 4.69
C GLU C 33 -12.13 28.46 3.50
N PRO C 34 -10.96 29.09 3.68
CA PRO C 34 -10.36 29.83 2.55
C PRO C 34 -10.13 28.92 1.35
N LEU C 35 -9.74 27.67 1.62
CA LEU C 35 -9.46 26.70 0.56
C LEU C 35 -10.72 26.40 -0.26
N VAL C 36 -11.83 26.14 0.44
CA VAL C 36 -13.08 25.85 -0.25
C VAL C 36 -13.48 27.07 -1.07
N LYS C 37 -13.45 28.25 -0.45
CA LYS C 37 -13.79 29.51 -1.13
C LYS C 37 -13.00 29.64 -2.41
N GLY C 38 -11.66 29.56 -2.29
CA GLY C 38 -10.80 29.68 -3.44
C GLY C 38 -11.16 28.72 -4.56
N ALA C 39 -11.41 27.47 -4.19
CA ALA C 39 -11.78 26.47 -5.18
C ALA C 39 -13.08 26.88 -5.88
N VAL C 40 -14.12 27.15 -5.09
CA VAL C 40 -15.41 27.53 -5.66
C VAL C 40 -15.33 28.78 -6.52
N GLU C 41 -14.80 29.87 -5.96
CA GLU C 41 -14.68 31.09 -6.72
C GLU C 41 -13.95 30.93 -8.04
N THR C 42 -12.82 30.25 -8.02
CA THR C 42 -12.06 30.06 -9.24
C THR C 42 -12.88 29.32 -10.31
N MET C 43 -13.54 28.24 -9.93
CA MET C 43 -14.33 27.46 -10.87
C MET C 43 -15.41 28.34 -11.51
N ILE C 44 -16.12 29.09 -10.68
CA ILE C 44 -17.18 29.98 -11.12
C ILE C 44 -16.69 31.15 -11.98
N GLU C 45 -15.79 31.95 -11.41
CA GLU C 45 -15.26 33.11 -12.10
C GLU C 45 -14.33 32.84 -13.28
N LYS C 46 -13.44 31.85 -13.17
CA LYS C 46 -12.52 31.58 -14.26
C LYS C 46 -12.96 30.50 -15.23
N HIS C 47 -13.86 29.62 -14.81
CA HIS C 47 -14.25 28.53 -15.69
C HIS C 47 -15.74 28.40 -16.01
N ASP C 48 -16.51 29.39 -15.59
CA ASP C 48 -17.95 29.42 -15.86
C ASP C 48 -18.70 28.23 -15.31
N VAL C 49 -18.28 27.73 -14.17
CA VAL C 49 -18.99 26.62 -13.56
C VAL C 49 -20.17 27.26 -12.85
N LYS C 50 -21.31 26.59 -12.84
CA LYS C 50 -22.49 27.15 -12.19
C LYS C 50 -22.61 26.76 -10.73
N LEU C 51 -22.80 27.78 -9.90
CA LEU C 51 -22.94 27.60 -8.46
C LEU C 51 -23.91 26.45 -8.11
N GLU C 52 -25.03 26.36 -8.83
CA GLU C 52 -26.01 25.31 -8.57
C GLU C 52 -25.45 23.93 -8.84
N ASN C 53 -24.42 23.88 -9.68
CA ASN C 53 -23.79 22.61 -10.06
C ASN C 53 -22.63 22.16 -9.20
N ILE C 54 -22.43 22.83 -8.07
CA ILE C 54 -21.37 22.51 -7.15
C ILE C 54 -21.94 22.08 -5.80
N ASP C 55 -21.75 20.82 -5.43
CA ASP C 55 -22.25 20.35 -4.14
C ASP C 55 -21.11 20.39 -3.14
N ILE C 56 -21.42 20.81 -1.93
CA ILE C 56 -20.40 20.86 -0.90
C ILE C 56 -20.84 20.07 0.33
N GLU C 57 -20.17 18.94 0.56
CA GLU C 57 -20.45 18.08 1.71
C GLU C 57 -19.26 18.28 2.65
N SER C 58 -19.40 17.79 3.87
CA SER C 58 -18.31 17.87 4.82
C SER C 58 -18.33 16.60 5.67
N VAL C 59 -17.19 16.32 6.29
CA VAL C 59 -17.03 15.16 7.17
C VAL C 59 -16.23 15.64 8.36
N PRO C 60 -16.23 14.87 9.46
CA PRO C 60 -15.49 15.24 10.67
C PRO C 60 -14.01 15.50 10.40
N GLY C 61 -13.28 14.45 10.02
CA GLY C 61 -11.86 14.60 9.76
C GLY C 61 -11.39 14.01 8.45
N SER C 62 -10.11 14.20 8.12
CA SER C 62 -9.52 13.70 6.86
C SER C 62 -9.69 12.21 6.66
N TRP C 63 -9.75 11.47 7.76
CA TRP C 63 -9.91 10.02 7.65
C TRP C 63 -11.23 9.69 6.95
N GLU C 64 -12.26 10.50 7.18
CA GLU C 64 -13.56 10.24 6.58
C GLU C 64 -13.66 10.68 5.12
N LEU C 65 -12.67 11.41 4.66
CA LEU C 65 -12.66 11.90 3.30
C LEU C 65 -12.90 10.85 2.21
N PRO C 66 -12.07 9.79 2.15
CA PRO C 66 -12.29 8.78 1.11
C PRO C 66 -13.69 8.16 1.19
N GLN C 67 -14.11 7.84 2.41
CA GLN C 67 -15.41 7.23 2.65
C GLN C 67 -16.55 8.16 2.31
N GLY C 68 -16.41 9.44 2.65
CA GLY C 68 -17.44 10.39 2.32
C GLY C 68 -17.57 10.51 0.80
N ILE C 69 -16.43 10.64 0.13
CA ILE C 69 -16.44 10.77 -1.33
C ILE C 69 -17.06 9.56 -2.00
N ARG C 70 -16.69 8.36 -1.53
CA ARG C 70 -17.22 7.14 -2.12
C ARG C 70 -18.73 7.05 -2.00
N ALA C 71 -19.25 7.39 -0.83
CA ALA C 71 -20.69 7.35 -0.61
C ALA C 71 -21.39 8.30 -1.57
N SER C 72 -20.90 9.53 -1.68
CA SER C 72 -21.52 10.48 -2.59
C SER C 72 -21.42 10.06 -4.05
N ILE C 73 -20.27 9.55 -4.46
CA ILE C 73 -20.05 9.10 -5.84
C ILE C 73 -21.10 8.07 -6.24
N ALA C 74 -21.59 7.31 -5.26
CA ALA C 74 -22.58 6.28 -5.50
C ALA C 74 -23.99 6.91 -5.59
N ARG C 75 -24.25 7.92 -4.76
CA ARG C 75 -25.54 8.62 -4.75
C ARG C 75 -25.80 9.35 -6.07
N ASN C 76 -25.01 10.39 -6.34
CA ASN C 76 -25.19 11.17 -7.56
C ASN C 76 -24.09 11.01 -8.57
N THR C 77 -24.15 11.81 -9.63
CA THR C 77 -23.16 11.78 -10.69
C THR C 77 -22.39 13.09 -10.76
N TYR C 78 -21.07 12.97 -10.75
CA TYR C 78 -20.20 14.13 -10.79
C TYR C 78 -19.13 13.93 -11.84
N ASP C 79 -18.60 15.03 -12.34
CA ASP C 79 -17.57 14.96 -13.37
C ASP C 79 -16.20 14.95 -12.71
N ALA C 80 -16.16 15.51 -11.50
CA ALA C 80 -14.93 15.57 -10.75
C ALA C 80 -15.26 15.90 -9.30
N VAL C 81 -14.35 15.49 -8.41
CA VAL C 81 -14.53 15.74 -6.99
C VAL C 81 -13.21 16.23 -6.42
N ILE C 82 -13.29 17.10 -5.42
CA ILE C 82 -12.12 17.64 -4.74
C ILE C 82 -12.20 17.26 -3.26
N GLY C 83 -11.16 16.57 -2.79
CA GLY C 83 -11.08 16.20 -1.39
C GLY C 83 -10.23 17.24 -0.66
N ILE C 84 -10.80 17.92 0.32
CA ILE C 84 -10.05 18.94 1.03
C ILE C 84 -9.96 18.64 2.52
N GLY C 85 -8.73 18.66 3.04
CA GLY C 85 -8.52 18.38 4.44
C GLY C 85 -7.19 18.94 4.87
N VAL C 86 -7.01 19.16 6.17
CA VAL C 86 -5.75 19.67 6.67
C VAL C 86 -5.23 18.82 7.83
N LEU C 87 -4.09 18.17 7.61
CA LEU C 87 -3.47 17.35 8.63
C LEU C 87 -2.21 18.05 9.14
N ILE C 88 -2.13 18.22 10.45
CA ILE C 88 -0.99 18.85 11.08
C ILE C 88 -0.25 17.86 11.98
N LYS C 89 1.07 17.84 11.88
CA LYS C 89 1.90 16.96 12.69
C LYS C 89 1.66 17.24 14.18
N GLY C 90 1.41 16.19 14.96
CA GLY C 90 1.19 16.33 16.39
C GLY C 90 2.37 15.74 17.13
N SER C 91 2.14 15.21 18.33
CA SER C 91 3.23 14.64 19.13
C SER C 91 3.42 13.15 18.92
N THR C 92 2.44 12.51 18.28
CA THR C 92 2.52 11.08 18.06
C THR C 92 2.71 10.78 16.58
N MET C 93 2.64 9.51 16.22
CA MET C 93 2.82 9.06 14.84
C MET C 93 1.48 9.07 14.08
N HIS C 94 0.46 9.51 14.78
CA HIS C 94 -0.88 9.60 14.24
C HIS C 94 -0.91 10.26 12.88
N PHE C 95 -0.27 11.42 12.78
CA PHE C 95 -0.21 12.19 11.56
C PHE C 95 0.34 11.40 10.36
N GLU C 96 1.46 10.73 10.57
CA GLU C 96 2.09 9.96 9.54
C GLU C 96 1.18 8.85 9.00
N TYR C 97 0.61 8.07 9.89
CA TYR C 97 -0.24 6.96 9.47
C TYR C 97 -1.57 7.40 8.83
N ILE C 98 -2.22 8.42 9.38
CA ILE C 98 -3.46 8.88 8.79
C ILE C 98 -3.19 9.44 7.40
N SER C 99 -2.12 10.24 7.29
CA SER C 99 -1.76 10.84 6.02
C SER C 99 -1.58 9.80 4.92
N GLU C 100 -0.74 8.81 5.21
CA GLU C 100 -0.48 7.78 4.24
C GLU C 100 -1.76 7.06 3.83
N ALA C 101 -2.60 6.75 4.81
CA ALA C 101 -3.83 6.01 4.53
C ALA C 101 -4.85 6.83 3.74
N VAL C 102 -4.94 8.11 4.03
CA VAL C 102 -5.91 8.94 3.33
C VAL C 102 -5.51 9.17 1.88
N VAL C 103 -4.22 9.39 1.66
CA VAL C 103 -3.74 9.64 0.33
C VAL C 103 -3.97 8.39 -0.54
N HIS C 104 -3.63 7.22 -0.02
CA HIS C 104 -3.86 6.00 -0.78
C HIS C 104 -5.36 5.80 -1.01
N GLY C 105 -6.16 6.11 0.01
CA GLY C 105 -7.60 5.97 -0.08
C GLY C 105 -8.22 6.80 -1.19
N LEU C 106 -7.82 8.06 -1.26
CA LEU C 106 -8.35 8.97 -2.28
C LEU C 106 -7.98 8.47 -3.66
N MET C 107 -6.74 8.02 -3.82
CA MET C 107 -6.29 7.51 -5.11
C MET C 107 -7.14 6.29 -5.47
N ARG C 108 -7.39 5.42 -4.50
CA ARG C 108 -8.18 4.23 -4.78
C ARG C 108 -9.58 4.59 -5.25
N VAL C 109 -10.25 5.47 -4.51
CA VAL C 109 -11.58 5.85 -4.85
C VAL C 109 -11.68 6.39 -6.29
N GLY C 110 -10.71 7.21 -6.66
CA GLY C 110 -10.72 7.75 -8.01
C GLY C 110 -10.49 6.68 -9.06
N LEU C 111 -9.51 5.80 -8.84
CA LEU C 111 -9.23 4.74 -9.79
C LEU C 111 -10.36 3.72 -9.86
N ASP C 112 -10.96 3.40 -8.72
CA ASP C 112 -12.07 2.45 -8.68
C ASP C 112 -13.30 2.97 -9.41
N SER C 113 -13.67 4.22 -9.17
CA SER C 113 -14.86 4.83 -9.76
C SER C 113 -14.70 5.38 -11.17
N GLY C 114 -13.49 5.77 -11.54
CA GLY C 114 -13.30 6.36 -12.85
C GLY C 114 -13.60 7.85 -12.77
N VAL C 115 -13.95 8.34 -11.58
CA VAL C 115 -14.23 9.77 -11.40
C VAL C 115 -12.96 10.47 -10.90
N PRO C 116 -12.54 11.55 -11.59
CA PRO C 116 -11.33 12.27 -11.19
C PRO C 116 -11.44 12.81 -9.77
N VAL C 117 -10.44 12.51 -8.95
CA VAL C 117 -10.42 12.99 -7.57
C VAL C 117 -9.22 13.90 -7.43
N ILE C 118 -9.48 15.17 -7.15
CA ILE C 118 -8.41 16.17 -6.98
C ILE C 118 -7.98 16.19 -5.51
N LEU C 119 -6.67 16.19 -5.31
CA LEU C 119 -6.10 16.18 -3.97
C LEU C 119 -5.96 17.56 -3.34
N GLY C 120 -6.88 17.89 -2.43
CA GLY C 120 -6.83 19.15 -1.71
C GLY C 120 -6.45 18.87 -0.26
N LEU C 121 -5.51 17.95 -0.08
CA LEU C 121 -5.04 17.57 1.25
C LEU C 121 -3.74 18.29 1.58
N LEU C 122 -3.70 18.96 2.73
CA LEU C 122 -2.47 19.61 3.14
C LEU C 122 -1.94 18.77 4.29
N THR C 123 -0.67 18.38 4.20
CA THR C 123 0.01 17.58 5.22
C THR C 123 1.20 18.42 5.67
N VAL C 124 0.98 19.24 6.68
CA VAL C 124 1.98 20.20 7.16
C VAL C 124 2.56 19.95 8.56
N LEU C 125 3.65 20.65 8.88
CA LEU C 125 4.29 20.50 10.18
C LEU C 125 3.63 21.35 11.26
N ASN C 126 2.96 22.41 10.85
CA ASN C 126 2.30 23.29 11.80
C ASN C 126 1.26 24.18 11.11
N GLU C 127 0.45 24.85 11.93
CA GLU C 127 -0.59 25.75 11.48
C GLU C 127 -0.19 26.82 10.46
N GLU C 128 0.90 27.51 10.75
CA GLU C 128 1.39 28.56 9.87
C GLU C 128 1.48 28.06 8.44
N GLN C 129 2.06 26.88 8.25
CA GLN C 129 2.20 26.33 6.90
C GLN C 129 0.85 26.13 6.21
N ALA C 130 -0.16 25.73 6.98
CA ALA C 130 -1.48 25.50 6.43
C ALA C 130 -2.09 26.82 5.98
N LEU C 131 -2.15 27.78 6.90
CA LEU C 131 -2.70 29.10 6.64
C LEU C 131 -2.03 29.71 5.42
N TYR C 132 -0.71 29.58 5.33
CA TYR C 132 0.04 30.15 4.23
C TYR C 132 -0.39 29.58 2.88
N ARG C 133 -0.63 28.28 2.83
CA ARG C 133 -1.03 27.65 1.59
C ARG C 133 -2.51 27.86 1.32
N ALA C 134 -3.19 28.50 2.28
CA ALA C 134 -4.61 28.81 2.14
C ALA C 134 -4.75 30.28 1.69
N GLY C 135 -3.63 30.90 1.35
CA GLY C 135 -3.66 32.27 0.90
C GLY C 135 -3.53 33.37 1.93
N LEU C 136 -3.37 33.01 3.21
CA LEU C 136 -3.21 34.01 4.26
C LEU C 136 -1.73 34.34 4.42
N ASN C 137 -1.44 35.38 5.20
CA ASN C 137 -0.09 35.84 5.50
C ASN C 137 0.86 35.85 4.32
N GLY C 138 0.38 36.38 3.19
CA GLY C 138 1.21 36.49 2.00
C GLY C 138 1.28 35.25 1.11
N GLY C 139 0.60 34.19 1.50
CA GLY C 139 0.65 32.97 0.70
C GLY C 139 -0.31 32.96 -0.46
N HIS C 140 -0.18 31.93 -1.30
CA HIS C 140 -1.05 31.73 -2.45
C HIS C 140 -2.14 30.69 -2.11
N ASN C 141 -3.41 31.01 -2.39
CA ASN C 141 -4.46 30.04 -2.07
C ASN C 141 -4.42 28.87 -3.04
N HIS C 142 -4.11 27.69 -2.53
CA HIS C 142 -4.02 26.47 -3.33
C HIS C 142 -5.38 25.94 -3.78
N GLY C 143 -6.43 26.36 -3.10
CA GLY C 143 -7.76 25.90 -3.48
C GLY C 143 -8.03 26.33 -4.92
N ASN C 144 -7.50 27.49 -5.30
CA ASN C 144 -7.68 27.99 -6.65
C ASN C 144 -7.18 26.96 -7.66
N ASP C 145 -5.94 26.51 -7.47
CA ASP C 145 -5.35 25.54 -8.38
C ASP C 145 -6.22 24.29 -8.43
N TRP C 146 -6.72 23.87 -7.28
CA TRP C 146 -7.55 22.68 -7.24
C TRP C 146 -8.79 22.87 -8.06
N GLY C 147 -9.35 24.09 -8.00
CA GLY C 147 -10.55 24.41 -8.76
C GLY C 147 -10.30 24.20 -10.25
N SER C 148 -9.22 24.77 -10.75
CA SER C 148 -8.87 24.63 -12.16
C SER C 148 -8.62 23.18 -12.52
N ALA C 149 -7.93 22.45 -11.65
CA ALA C 149 -7.63 21.03 -11.92
C ALA C 149 -8.92 20.22 -12.05
N ALA C 150 -9.86 20.48 -11.15
CA ALA C 150 -11.13 19.77 -11.18
C ALA C 150 -11.83 20.00 -12.54
N VAL C 151 -11.92 21.25 -12.96
CA VAL C 151 -12.57 21.58 -14.21
C VAL C 151 -11.88 20.87 -15.36
N GLU C 152 -10.56 20.97 -15.41
CA GLU C 152 -9.82 20.33 -16.47
C GLU C 152 -10.01 18.81 -16.54
N MET C 153 -9.88 18.13 -15.40
CA MET C 153 -10.05 16.68 -15.40
C MET C 153 -11.47 16.27 -15.70
N GLY C 154 -12.43 17.10 -15.30
CA GLY C 154 -13.82 16.78 -15.57
C GLY C 154 -14.09 16.77 -17.05
N LEU C 155 -13.57 17.78 -17.76
CA LEU C 155 -13.76 17.89 -19.19
C LEU C 155 -13.05 16.75 -19.90
N LYS C 156 -11.78 16.53 -19.56
CA LYS C 156 -11.03 15.47 -20.22
C LYS C 156 -11.69 14.10 -19.99
N ALA C 157 -12.54 14.01 -18.97
CA ALA C 157 -13.23 12.77 -18.66
C ALA C 157 -14.36 12.53 -19.65
N LEU C 158 -14.95 13.62 -20.14
CA LEU C 158 -16.03 13.56 -21.13
C LEU C 158 -15.43 13.62 -22.55
N LEU D 13 15.81 -2.78 -31.70
CA LEU D 13 14.35 -3.03 -31.64
C LEU D 13 13.55 -1.92 -32.30
N LYS D 14 12.70 -2.30 -33.26
CA LYS D 14 11.88 -1.32 -33.97
C LYS D 14 10.40 -1.67 -33.86
N GLY D 15 9.56 -0.66 -33.71
CA GLY D 15 8.13 -0.91 -33.58
C GLY D 15 7.34 0.05 -34.45
N PRO D 16 7.36 -0.14 -35.77
CA PRO D 16 6.64 0.72 -36.71
C PRO D 16 5.13 0.70 -36.47
N GLU D 17 4.63 -0.42 -35.96
CA GLU D 17 3.21 -0.59 -35.72
C GLU D 17 2.76 -0.23 -34.30
N LEU D 18 3.71 0.11 -33.44
CA LEU D 18 3.38 0.43 -32.05
C LEU D 18 2.63 1.73 -31.89
N ARG D 19 1.66 1.69 -30.99
CA ARG D 19 0.87 2.87 -30.66
C ARG D 19 1.25 3.20 -29.21
N ILE D 20 1.91 4.33 -29.04
CA ILE D 20 2.34 4.76 -27.72
C ILE D 20 1.61 5.99 -27.18
N LEU D 21 1.28 5.94 -25.90
CA LEU D 21 0.63 7.07 -25.24
C LEU D 21 1.61 7.72 -24.25
N ILE D 22 1.63 9.04 -24.24
CA ILE D 22 2.46 9.78 -23.29
C ILE D 22 1.58 10.76 -22.55
N VAL D 23 1.49 10.60 -21.23
CA VAL D 23 0.72 11.53 -20.40
C VAL D 23 1.74 12.21 -19.47
N HIS D 24 1.79 13.53 -19.50
CA HIS D 24 2.72 14.26 -18.65
C HIS D 24 2.00 15.33 -17.87
N ALA D 25 2.53 15.67 -16.70
CA ALA D 25 1.92 16.71 -15.88
C ALA D 25 2.48 18.05 -16.37
N ARG D 26 1.99 19.14 -15.79
CA ARG D 26 2.46 20.44 -16.21
C ARG D 26 3.24 21.22 -15.18
N TYR D 27 3.49 20.61 -14.02
CA TYR D 27 4.28 21.27 -12.97
C TYR D 27 5.73 21.14 -13.38
N ASN D 28 6.52 22.21 -13.19
CA ASN D 28 7.93 22.16 -13.54
C ASN D 28 8.15 21.84 -15.02
N LEU D 29 7.44 22.61 -15.86
CA LEU D 29 7.50 22.46 -17.30
C LEU D 29 8.91 22.56 -17.86
N GLN D 30 9.77 23.35 -17.22
CA GLN D 30 11.15 23.50 -17.68
C GLN D 30 11.84 22.14 -17.76
N ALA D 31 11.48 21.24 -16.85
CA ALA D 31 12.07 19.91 -16.82
C ALA D 31 11.28 18.91 -17.64
N ILE D 32 9.97 19.13 -17.71
CA ILE D 32 9.10 18.21 -18.42
C ILE D 32 9.25 18.23 -19.95
N GLU D 33 9.32 19.41 -20.54
CA GLU D 33 9.45 19.46 -21.99
C GLU D 33 10.63 18.66 -22.55
N PRO D 34 11.84 18.89 -22.01
CA PRO D 34 13.00 18.13 -22.53
C PRO D 34 12.75 16.62 -22.44
N LEU D 35 12.13 16.19 -21.33
CA LEU D 35 11.86 14.78 -21.12
C LEU D 35 10.94 14.20 -22.20
N VAL D 36 9.84 14.89 -22.47
CA VAL D 36 8.92 14.43 -23.50
C VAL D 36 9.66 14.37 -24.85
N LYS D 37 10.34 15.46 -25.20
CA LYS D 37 11.12 15.53 -26.45
C LYS D 37 12.03 14.30 -26.57
N GLY D 38 12.87 14.09 -25.54
CA GLY D 38 13.79 12.96 -25.54
C GLY D 38 13.10 11.63 -25.78
N ALA D 39 11.97 11.44 -25.11
CA ALA D 39 11.21 10.21 -25.26
C ALA D 39 10.74 10.08 -26.71
N VAL D 40 10.04 11.10 -27.21
CA VAL D 40 9.52 11.06 -28.58
C VAL D 40 10.63 10.85 -29.62
N GLU D 41 11.63 11.72 -29.60
CA GLU D 41 12.71 11.63 -30.57
C GLU D 41 13.37 10.26 -30.59
N THR D 42 13.69 9.73 -29.42
CA THR D 42 14.33 8.41 -29.37
C THR D 42 13.44 7.33 -30.01
N MET D 43 12.15 7.32 -29.68
CA MET D 43 11.25 6.31 -30.23
C MET D 43 11.22 6.39 -31.76
N ILE D 44 11.12 7.61 -32.27
CA ILE D 44 11.08 7.85 -33.70
C ILE D 44 12.41 7.54 -34.42
N GLU D 45 13.47 8.22 -33.98
CA GLU D 45 14.78 8.03 -34.58
C GLU D 45 15.46 6.69 -34.35
N LYS D 46 15.39 6.15 -33.14
CA LYS D 46 16.05 4.87 -32.87
C LYS D 46 15.18 3.64 -33.02
N HIS D 47 13.87 3.80 -32.96
CA HIS D 47 13.00 2.62 -33.03
C HIS D 47 11.95 2.60 -34.14
N ASP D 48 12.01 3.59 -35.01
CA ASP D 48 11.10 3.67 -36.15
C ASP D 48 9.63 3.77 -35.75
N VAL D 49 9.36 4.43 -34.64
CA VAL D 49 7.98 4.60 -34.23
C VAL D 49 7.47 5.77 -35.06
N LYS D 50 6.22 5.70 -35.47
CA LYS D 50 5.65 6.77 -36.29
C LYS D 50 5.01 7.87 -35.46
N LEU D 51 5.42 9.10 -35.77
CA LEU D 51 4.92 10.29 -35.10
C LEU D 51 3.39 10.29 -34.97
N GLU D 52 2.68 9.85 -36.01
CA GLU D 52 1.22 9.82 -35.98
C GLU D 52 0.72 8.82 -34.95
N ASN D 53 1.55 7.85 -34.62
CA ASN D 53 1.18 6.81 -33.67
C ASN D 53 1.50 7.09 -32.20
N ILE D 54 1.89 8.33 -31.92
CA ILE D 54 2.24 8.74 -30.57
C ILE D 54 1.27 9.82 -30.11
N ASP D 55 0.45 9.52 -29.10
CA ASP D 55 -0.48 10.52 -28.57
C ASP D 55 0.15 11.17 -27.36
N ILE D 56 -0.03 12.47 -27.22
CA ILE D 56 0.51 13.16 -26.08
C ILE D 56 -0.57 13.95 -25.37
N GLU D 57 -0.95 13.48 -24.19
CA GLU D 57 -1.96 14.14 -23.37
C GLU D 57 -1.20 14.79 -22.22
N SER D 58 -1.88 15.65 -21.46
CA SER D 58 -1.26 16.28 -20.32
C SER D 58 -2.32 16.43 -19.21
N VAL D 59 -1.84 16.61 -17.98
CA VAL D 59 -2.71 16.78 -16.83
C VAL D 59 -2.05 17.84 -15.99
N PRO D 60 -2.79 18.44 -15.05
CA PRO D 60 -2.27 19.50 -14.19
C PRO D 60 -0.99 19.06 -13.44
N GLY D 61 -1.15 18.09 -12.54
CA GLY D 61 0.00 17.63 -11.76
C GLY D 61 0.15 16.13 -11.72
N SER D 62 1.25 15.66 -11.12
CA SER D 62 1.55 14.23 -10.99
C SER D 62 0.43 13.40 -10.36
N TRP D 63 -0.34 14.02 -9.47
CA TRP D 63 -1.43 13.33 -8.84
C TRP D 63 -2.43 12.84 -9.87
N GLU D 64 -2.64 13.61 -10.93
CA GLU D 64 -3.60 13.26 -11.98
C GLU D 64 -3.07 12.22 -12.96
N LEU D 65 -1.78 11.96 -12.92
CA LEU D 65 -1.16 11.01 -13.81
C LEU D 65 -1.86 9.64 -13.91
N PRO D 66 -1.99 8.91 -12.78
CA PRO D 66 -2.65 7.61 -12.85
C PRO D 66 -4.06 7.70 -13.43
N GLN D 67 -4.82 8.69 -12.97
CA GLN D 67 -6.19 8.88 -13.42
C GLN D 67 -6.25 9.25 -14.91
N GLY D 68 -5.34 10.11 -15.35
CA GLY D 68 -5.31 10.49 -16.75
C GLY D 68 -5.02 9.28 -17.60
N ILE D 69 -4.01 8.52 -17.22
CA ILE D 69 -3.65 7.31 -17.97
C ILE D 69 -4.80 6.30 -18.03
N ARG D 70 -5.46 6.07 -16.90
CA ARG D 70 -6.55 5.12 -16.85
C ARG D 70 -7.70 5.50 -17.79
N ALA D 71 -8.06 6.78 -17.77
CA ALA D 71 -9.13 7.28 -18.64
C ALA D 71 -8.76 7.02 -20.11
N SER D 72 -7.56 7.42 -20.51
CA SER D 72 -7.12 7.19 -21.88
C SER D 72 -7.06 5.71 -22.26
N ILE D 73 -6.53 4.87 -21.38
CA ILE D 73 -6.41 3.43 -21.62
C ILE D 73 -7.79 2.84 -21.96
N ALA D 74 -8.84 3.44 -21.40
CA ALA D 74 -10.20 2.96 -21.65
C ALA D 74 -10.71 3.47 -23.01
N ARG D 75 -10.36 4.71 -23.36
CA ARG D 75 -10.79 5.30 -24.62
C ARG D 75 -10.19 4.54 -25.82
N ASN D 76 -8.87 4.63 -25.99
CA ASN D 76 -8.20 3.99 -27.12
C ASN D 76 -7.34 2.80 -26.73
N THR D 77 -6.62 2.28 -27.72
CA THR D 77 -5.76 1.13 -27.50
C THR D 77 -4.31 1.50 -27.72
N TYR D 78 -3.48 1.18 -26.75
CA TYR D 78 -2.06 1.50 -26.83
C TYR D 78 -1.25 0.27 -26.48
N ASP D 79 -0.02 0.22 -26.98
CA ASP D 79 0.85 -0.91 -26.69
C ASP D 79 1.68 -0.62 -25.44
N ALA D 80 1.87 0.66 -25.17
CA ALA D 80 2.61 1.08 -23.99
C ALA D 80 2.31 2.54 -23.71
N VAL D 81 2.46 2.92 -22.44
CA VAL D 81 2.22 4.30 -22.04
C VAL D 81 3.37 4.73 -21.14
N ILE D 82 3.72 6.01 -21.21
CA ILE D 82 4.78 6.58 -20.40
C ILE D 82 4.16 7.70 -19.54
N GLY D 83 4.37 7.59 -18.22
CA GLY D 83 3.85 8.61 -17.31
C GLY D 83 5.00 9.53 -16.98
N ILE D 84 4.87 10.81 -17.27
CA ILE D 84 5.96 11.73 -16.99
C ILE D 84 5.54 12.86 -16.07
N GLY D 85 6.31 13.04 -15.01
CA GLY D 85 6.00 14.09 -14.04
C GLY D 85 7.24 14.41 -13.23
N VAL D 86 7.23 15.58 -12.59
CA VAL D 86 8.37 15.98 -11.78
C VAL D 86 7.90 16.48 -10.44
N LEU D 87 8.27 15.75 -9.40
CA LEU D 87 7.92 16.13 -8.04
C LEU D 87 9.18 16.62 -7.32
N ILE D 88 9.08 17.82 -6.76
CA ILE D 88 10.20 18.40 -6.03
C ILE D 88 9.86 18.57 -4.54
N LYS D 89 10.76 18.16 -3.66
CA LYS D 89 10.57 18.29 -2.22
C LYS D 89 10.28 19.77 -1.87
N GLY D 90 9.25 20.00 -1.06
CA GLY D 90 8.92 21.35 -0.65
C GLY D 90 9.20 21.49 0.84
N SER D 91 8.42 22.31 1.55
CA SER D 91 8.63 22.50 2.98
C SER D 91 7.79 21.58 3.83
N THR D 92 6.76 20.98 3.24
CA THR D 92 5.88 20.10 3.98
C THR D 92 6.11 18.63 3.58
N MET D 93 5.26 17.75 4.08
CA MET D 93 5.34 16.32 3.79
C MET D 93 4.57 15.96 2.52
N HIS D 94 4.01 16.99 1.91
CA HIS D 94 3.24 16.86 0.68
C HIS D 94 3.95 16.01 -0.35
N PHE D 95 5.21 16.33 -0.60
CA PHE D 95 6.02 15.60 -1.58
C PHE D 95 6.08 14.11 -1.31
N GLU D 96 6.37 13.75 -0.06
CA GLU D 96 6.48 12.35 0.32
C GLU D 96 5.21 11.55 0.05
N TYR D 97 4.07 12.07 0.50
CA TYR D 97 2.80 11.38 0.34
C TYR D 97 2.30 11.31 -1.10
N ILE D 98 2.44 12.40 -1.85
CA ILE D 98 2.03 12.38 -3.24
C ILE D 98 2.89 11.37 -4.01
N SER D 99 4.20 11.40 -3.77
CA SER D 99 5.12 10.51 -4.46
C SER D 99 4.76 9.06 -4.28
N GLU D 100 4.60 8.67 -3.02
CA GLU D 100 4.26 7.31 -2.71
C GLU D 100 2.93 6.91 -3.39
N ALA D 101 1.94 7.78 -3.30
CA ALA D 101 0.65 7.47 -3.89
C ALA D 101 0.67 7.36 -5.41
N VAL D 102 1.41 8.24 -6.07
CA VAL D 102 1.46 8.22 -7.53
C VAL D 102 2.20 7.01 -8.05
N VAL D 103 3.28 6.65 -7.41
CA VAL D 103 4.04 5.50 -7.83
C VAL D 103 3.20 4.23 -7.70
N HIS D 104 2.50 4.08 -6.58
CA HIS D 104 1.65 2.89 -6.40
C HIS D 104 0.52 2.93 -7.43
N GLY D 105 -0.01 4.13 -7.68
CA GLY D 105 -1.11 4.28 -8.62
C GLY D 105 -0.74 3.84 -10.03
N LEU D 106 0.43 4.28 -10.50
CA LEU D 106 0.90 3.93 -11.83
C LEU D 106 1.10 2.43 -11.94
N MET D 107 1.68 1.82 -10.91
CA MET D 107 1.88 0.38 -10.92
C MET D 107 0.52 -0.31 -11.02
N ARG D 108 -0.45 0.15 -10.23
CA ARG D 108 -1.78 -0.46 -10.26
C ARG D 108 -2.42 -0.39 -11.64
N VAL D 109 -2.40 0.81 -12.23
CA VAL D 109 -3.00 0.98 -13.55
C VAL D 109 -2.41 0.03 -14.58
N GLY D 110 -1.09 -0.15 -14.56
CA GLY D 110 -0.47 -1.06 -15.49
C GLY D 110 -0.85 -2.52 -15.21
N LEU D 111 -0.83 -2.93 -13.95
CA LEU D 111 -1.17 -4.32 -13.62
C LEU D 111 -2.63 -4.61 -13.85
N ASP D 112 -3.49 -3.63 -13.58
CA ASP D 112 -4.94 -3.78 -13.77
C ASP D 112 -5.29 -3.91 -15.24
N SER D 113 -4.71 -3.05 -16.06
CA SER D 113 -5.00 -3.02 -17.49
C SER D 113 -4.23 -4.00 -18.35
N GLY D 114 -3.05 -4.40 -17.91
CA GLY D 114 -2.28 -5.31 -18.72
C GLY D 114 -1.47 -4.52 -19.73
N VAL D 115 -1.59 -3.19 -19.68
CA VAL D 115 -0.82 -2.33 -20.59
C VAL D 115 0.46 -1.83 -19.88
N PRO D 116 1.61 -2.03 -20.51
CA PRO D 116 2.88 -1.60 -19.90
C PRO D 116 2.89 -0.10 -19.60
N VAL D 117 3.19 0.27 -18.36
CA VAL D 117 3.26 1.67 -17.99
C VAL D 117 4.71 1.94 -17.57
N ILE D 118 5.38 2.82 -18.33
CA ILE D 118 6.77 3.19 -18.06
C ILE D 118 6.78 4.37 -17.10
N LEU D 119 7.66 4.28 -16.10
CA LEU D 119 7.79 5.30 -15.08
C LEU D 119 8.72 6.45 -15.44
N GLY D 120 8.14 7.59 -15.79
CA GLY D 120 8.92 8.75 -16.14
C GLY D 120 8.69 9.81 -15.07
N LEU D 121 8.67 9.35 -13.83
CA LEU D 121 8.47 10.20 -12.69
C LEU D 121 9.82 10.54 -12.04
N LEU D 122 10.07 11.82 -11.83
CA LEU D 122 11.31 12.22 -11.16
C LEU D 122 10.86 12.72 -9.79
N THR D 123 11.48 12.19 -8.73
CA THR D 123 11.18 12.56 -7.37
C THR D 123 12.52 13.06 -6.82
N VAL D 124 12.72 14.36 -6.94
CA VAL D 124 13.97 15.00 -6.57
C VAL D 124 13.93 15.98 -5.39
N LEU D 125 15.10 16.31 -4.86
CA LEU D 125 15.18 17.24 -3.72
C LEU D 125 15.09 18.71 -4.15
N ASN D 126 15.47 19.00 -5.38
CA ASN D 126 15.43 20.37 -5.88
C ASN D 126 15.45 20.41 -7.40
N GLU D 127 15.18 21.60 -7.95
CA GLU D 127 15.17 21.84 -9.40
C GLU D 127 16.38 21.36 -10.17
N GLU D 128 17.57 21.70 -9.69
CA GLU D 128 18.82 21.33 -10.34
C GLU D 128 18.83 19.83 -10.67
N GLN D 129 18.46 19.00 -9.69
CA GLN D 129 18.44 17.56 -9.92
C GLN D 129 17.51 17.16 -11.06
N ALA D 130 16.37 17.85 -11.16
CA ALA D 130 15.39 17.55 -12.20
C ALA D 130 16.00 17.90 -13.56
N LEU D 131 16.42 19.16 -13.70
CA LEU D 131 17.02 19.67 -14.94
C LEU D 131 18.15 18.75 -15.40
N TYR D 132 18.97 18.33 -14.45
CA TYR D 132 20.10 17.47 -14.76
C TYR D 132 19.66 16.14 -15.38
N ARG D 133 18.61 15.57 -14.84
CA ARG D 133 18.14 14.30 -15.35
C ARG D 133 17.31 14.47 -16.61
N ALA D 134 17.11 15.73 -16.99
CA ALA D 134 16.36 16.08 -18.21
C ALA D 134 17.36 16.41 -19.32
N GLY D 135 18.65 16.15 -19.06
CA GLY D 135 19.67 16.38 -20.06
C GLY D 135 20.35 17.75 -20.09
N LEU D 136 19.93 18.65 -19.21
CA LEU D 136 20.52 19.98 -19.16
C LEU D 136 21.74 19.96 -18.24
N ASN D 137 22.51 21.05 -18.26
CA ASN D 137 23.70 21.21 -17.43
C ASN D 137 24.61 19.99 -17.33
N GLY D 138 24.88 19.37 -18.48
CA GLY D 138 25.76 18.21 -18.52
C GLY D 138 25.15 16.88 -18.20
N GLY D 139 23.84 16.86 -17.91
CA GLY D 139 23.19 15.61 -17.57
C GLY D 139 22.71 14.80 -18.76
N HIS D 140 22.25 13.58 -18.50
CA HIS D 140 21.76 12.68 -19.52
C HIS D 140 20.23 12.73 -19.51
N ASN D 141 19.61 12.93 -20.68
CA ASN D 141 18.15 12.99 -20.72
C ASN D 141 17.57 11.59 -20.51
N HIS D 142 16.84 11.42 -19.42
CA HIS D 142 16.23 10.14 -19.06
C HIS D 142 15.01 9.79 -19.91
N GLY D 143 14.43 10.80 -20.55
CA GLY D 143 13.28 10.56 -21.40
C GLY D 143 13.66 9.58 -22.49
N ASN D 144 14.92 9.66 -22.93
CA ASN D 144 15.42 8.77 -23.97
C ASN D 144 15.25 7.32 -23.52
N ASP D 145 15.76 7.01 -22.34
CA ASP D 145 15.67 5.65 -21.81
C ASP D 145 14.22 5.20 -21.72
N TRP D 146 13.34 6.11 -21.32
CA TRP D 146 11.93 5.77 -21.20
C TRP D 146 11.35 5.43 -22.56
N GLY D 147 11.81 6.15 -23.57
CA GLY D 147 11.34 5.91 -24.93
C GLY D 147 11.69 4.49 -25.34
N SER D 148 12.93 4.09 -25.14
CA SER D 148 13.33 2.74 -25.50
C SER D 148 12.56 1.70 -24.70
N ALA D 149 12.35 1.96 -23.42
CA ALA D 149 11.65 1.01 -22.55
C ALA D 149 10.23 0.79 -23.03
N ALA D 150 9.57 1.89 -23.42
CA ALA D 150 8.21 1.81 -23.91
C ALA D 150 8.15 0.90 -25.14
N VAL D 151 9.04 1.15 -26.11
CA VAL D 151 9.07 0.34 -27.31
C VAL D 151 9.28 -1.12 -26.98
N GLU D 152 10.27 -1.39 -26.15
CA GLU D 152 10.56 -2.76 -25.77
C GLU D 152 9.40 -3.48 -25.10
N MET D 153 8.78 -2.84 -24.11
CA MET D 153 7.67 -3.48 -23.41
C MET D 153 6.46 -3.64 -24.32
N GLY D 154 6.27 -2.70 -25.24
CA GLY D 154 5.14 -2.77 -26.15
C GLY D 154 5.25 -3.99 -27.05
N LEU D 155 6.45 -4.24 -27.56
CA LEU D 155 6.69 -5.39 -28.42
C LEU D 155 6.53 -6.67 -27.62
N LYS D 156 7.20 -6.77 -26.48
CA LYS D 156 7.10 -7.99 -25.67
C LYS D 156 5.66 -8.28 -25.28
N ALA D 157 4.81 -7.25 -25.31
CA ALA D 157 3.40 -7.42 -24.95
C ALA D 157 2.64 -8.14 -26.07
N LEU D 158 3.09 -7.93 -27.31
CA LEU D 158 2.49 -8.58 -28.48
C LEU D 158 3.21 -9.91 -28.74
N LEU E 13 15.21 -31.91 -2.20
CA LEU E 13 13.97 -31.71 -3.04
C LEU E 13 14.32 -31.61 -4.51
N LYS E 14 13.66 -32.42 -5.34
CA LYS E 14 13.92 -32.41 -6.77
C LYS E 14 12.61 -32.15 -7.53
N GLY E 15 12.70 -31.38 -8.62
CA GLY E 15 11.53 -31.08 -9.40
C GLY E 15 11.82 -31.23 -10.88
N PRO E 16 11.94 -32.48 -11.37
CA PRO E 16 12.23 -32.75 -12.77
C PRO E 16 11.14 -32.22 -13.70
N GLU E 17 9.91 -32.20 -13.19
CA GLU E 17 8.75 -31.76 -13.95
C GLU E 17 8.42 -30.28 -13.81
N LEU E 18 9.14 -29.58 -12.95
CA LEU E 18 8.87 -28.16 -12.73
C LEU E 18 9.23 -27.27 -13.90
N ARG E 19 8.36 -26.30 -14.15
CA ARG E 19 8.58 -25.31 -15.19
C ARG E 19 8.80 -24.01 -14.44
N ILE E 20 10.01 -23.46 -14.55
CA ILE E 20 10.35 -22.23 -13.87
C ILE E 20 10.60 -21.06 -14.81
N LEU E 21 10.09 -19.89 -14.43
CA LEU E 21 10.31 -18.68 -15.22
C LEU E 21 11.22 -17.73 -14.43
N ILE E 22 12.15 -17.10 -15.13
CA ILE E 22 13.06 -16.13 -14.53
C ILE E 22 13.01 -14.86 -15.35
N VAL E 23 12.58 -13.76 -14.71
CA VAL E 23 12.52 -12.47 -15.39
C VAL E 23 13.50 -11.58 -14.63
N HIS E 24 14.46 -11.00 -15.33
CA HIS E 24 15.45 -10.13 -14.71
C HIS E 24 15.53 -8.81 -15.46
N ALA E 25 15.95 -7.77 -14.75
CA ALA E 25 16.08 -6.46 -15.36
C ALA E 25 17.48 -6.41 -15.93
N ARG E 26 17.81 -5.31 -16.61
CA ARG E 26 19.13 -5.19 -17.20
C ARG E 26 20.01 -4.11 -16.62
N TYR E 27 19.54 -3.42 -15.58
CA TYR E 27 20.34 -2.40 -14.92
C TYR E 27 21.34 -3.12 -14.04
N ASN E 28 22.57 -2.63 -13.99
CA ASN E 28 23.60 -3.25 -13.14
C ASN E 28 23.81 -4.72 -13.52
N LEU E 29 24.03 -4.94 -14.80
CA LEU E 29 24.23 -6.28 -15.35
C LEU E 29 25.38 -7.02 -14.69
N GLN E 30 26.39 -6.30 -14.23
CA GLN E 30 27.53 -6.93 -13.58
C GLN E 30 27.08 -7.75 -12.40
N ALA E 31 26.02 -7.30 -11.73
CA ALA E 31 25.52 -8.00 -10.55
C ALA E 31 24.43 -9.01 -10.93
N ILE E 32 23.67 -8.67 -11.97
CA ILE E 32 22.58 -9.53 -12.40
C ILE E 32 22.97 -10.87 -13.02
N GLU E 33 23.97 -10.87 -13.89
CA GLU E 33 24.40 -12.13 -14.49
C GLU E 33 24.76 -13.22 -13.49
N PRO E 34 25.66 -12.91 -12.54
CA PRO E 34 26.02 -13.95 -11.55
C PRO E 34 24.78 -14.50 -10.82
N LEU E 35 23.82 -13.61 -10.52
CA LEU E 35 22.60 -14.00 -9.82
C LEU E 35 21.79 -14.99 -10.63
N VAL E 36 21.55 -14.68 -11.91
CA VAL E 36 20.80 -15.59 -12.77
C VAL E 36 21.53 -16.94 -12.86
N LYS E 37 22.82 -16.89 -13.14
CA LYS E 37 23.65 -18.10 -13.21
C LYS E 37 23.46 -18.96 -11.96
N GLY E 38 23.66 -18.35 -10.80
CA GLY E 38 23.53 -19.07 -9.54
C GLY E 38 22.17 -19.74 -9.41
N ALA E 39 21.13 -18.98 -9.75
CA ALA E 39 19.79 -19.51 -9.66
C ALA E 39 19.63 -20.72 -10.57
N VAL E 40 19.98 -20.55 -11.85
CA VAL E 40 19.86 -21.63 -12.82
C VAL E 40 20.69 -22.87 -12.44
N GLU E 41 21.99 -22.67 -12.22
CA GLU E 41 22.85 -23.78 -11.84
C GLU E 41 22.34 -24.56 -10.64
N THR E 42 21.96 -23.85 -9.59
CA THR E 42 21.47 -24.52 -8.39
C THR E 42 20.24 -25.40 -8.69
N MET E 43 19.27 -24.84 -9.40
CA MET E 43 18.06 -25.59 -9.73
C MET E 43 18.40 -26.89 -10.49
N ILE E 44 19.26 -26.76 -11.50
CA ILE E 44 19.69 -27.88 -12.32
C ILE E 44 20.52 -28.90 -11.54
N GLU E 45 21.64 -28.45 -10.99
CA GLU E 45 22.54 -29.32 -10.26
C GLU E 45 22.03 -29.86 -8.93
N LYS E 46 21.36 -29.04 -8.13
CA LYS E 46 20.87 -29.52 -6.83
C LYS E 46 19.46 -30.03 -6.81
N HIS E 47 18.63 -29.63 -7.77
CA HIS E 47 17.24 -30.05 -7.75
C HIS E 47 16.73 -30.80 -8.97
N ASP E 48 17.62 -31.13 -9.89
CA ASP E 48 17.27 -31.88 -11.09
C ASP E 48 16.25 -31.18 -11.97
N VAL E 49 16.30 -29.86 -12.03
CA VAL E 49 15.39 -29.14 -12.89
C VAL E 49 16.02 -29.21 -14.27
N LYS E 50 15.18 -29.33 -15.29
CA LYS E 50 15.68 -29.45 -16.65
C LYS E 50 15.84 -28.11 -17.35
N LEU E 51 17.04 -27.92 -17.89
CA LEU E 51 17.40 -26.70 -18.61
C LEU E 51 16.32 -26.26 -19.58
N GLU E 52 15.71 -27.21 -20.29
CA GLU E 52 14.68 -26.87 -21.26
C GLU E 52 13.43 -26.34 -20.60
N ASN E 53 13.28 -26.65 -19.31
CA ASN E 53 12.12 -26.20 -18.55
C ASN E 53 12.26 -24.89 -17.82
N ILE E 54 13.33 -24.16 -18.14
CA ILE E 54 13.60 -22.88 -17.50
C ILE E 54 13.59 -21.79 -18.55
N ASP E 55 12.62 -20.86 -18.48
CA ASP E 55 12.57 -19.76 -19.43
C ASP E 55 13.22 -18.54 -18.78
N ILE E 56 13.97 -17.78 -19.57
CA ILE E 56 14.61 -16.60 -19.04
C ILE E 56 14.27 -15.40 -19.93
N GLU E 57 13.45 -14.51 -19.39
CA GLU E 57 13.04 -13.29 -20.07
C GLU E 57 13.81 -12.15 -19.38
N SER E 58 13.78 -10.98 -19.98
CA SER E 58 14.44 -9.84 -19.37
C SER E 58 13.61 -8.59 -19.65
N VAL E 59 13.81 -7.55 -18.85
CA VAL E 59 13.11 -6.29 -19.03
C VAL E 59 14.14 -5.20 -18.77
N PRO E 60 13.86 -3.97 -19.22
CA PRO E 60 14.80 -2.86 -19.02
C PRO E 60 15.22 -2.68 -17.56
N GLY E 61 14.28 -2.27 -16.70
CA GLY E 61 14.57 -2.02 -15.30
C GLY E 61 13.64 -2.73 -14.34
N SER E 62 13.94 -2.64 -13.03
CA SER E 62 13.15 -3.27 -11.98
C SER E 62 11.69 -2.88 -12.00
N TRP E 63 11.41 -1.66 -12.46
CA TRP E 63 10.03 -1.20 -12.54
C TRP E 63 9.20 -2.12 -13.45
N GLU E 64 9.82 -2.63 -14.51
CA GLU E 64 9.12 -3.49 -15.45
C GLU E 64 8.94 -4.92 -14.97
N LEU E 65 9.64 -5.28 -13.91
CA LEU E 65 9.58 -6.63 -13.36
C LEU E 65 8.16 -7.18 -13.11
N PRO E 66 7.34 -6.50 -12.28
CA PRO E 66 5.99 -7.01 -12.03
C PRO E 66 5.18 -7.16 -13.33
N GLN E 67 5.26 -6.15 -14.20
CA GLN E 67 4.53 -6.16 -15.46
C GLN E 67 5.03 -7.26 -16.40
N GLY E 68 6.33 -7.44 -16.48
CA GLY E 68 6.87 -8.50 -17.32
C GLY E 68 6.40 -9.86 -16.82
N ILE E 69 6.50 -10.08 -15.52
CA ILE E 69 6.09 -11.35 -14.94
C ILE E 69 4.60 -11.62 -15.19
N ARG E 70 3.76 -10.61 -15.00
CA ARG E 70 2.33 -10.77 -15.19
C ARG E 70 2.01 -11.15 -16.63
N ALA E 71 2.63 -10.48 -17.58
CA ALA E 71 2.39 -10.78 -18.98
C ALA E 71 2.75 -12.24 -19.26
N SER E 72 3.93 -12.67 -18.83
CA SER E 72 4.35 -14.04 -19.07
C SER E 72 3.45 -15.07 -18.37
N ILE E 73 3.05 -14.79 -17.13
CA ILE E 73 2.18 -15.68 -16.37
C ILE E 73 0.89 -15.95 -17.15
N ALA E 74 0.46 -14.97 -17.93
CA ALA E 74 -0.75 -15.11 -18.73
C ALA E 74 -0.49 -15.95 -19.99
N ARG E 75 0.67 -15.76 -20.61
CA ARG E 75 1.05 -16.50 -21.81
C ARG E 75 1.16 -18.00 -21.52
N ASN E 76 2.16 -18.39 -20.74
CA ASN E 76 2.40 -19.80 -20.44
C ASN E 76 2.08 -20.19 -19.03
N THR E 77 2.41 -21.43 -18.68
CA THR E 77 2.17 -21.95 -17.34
C THR E 77 3.47 -22.28 -16.67
N TYR E 78 3.64 -21.75 -15.46
CA TYR E 78 4.86 -21.99 -14.70
C TYR E 78 4.50 -22.42 -13.29
N ASP E 79 5.40 -23.15 -12.65
CA ASP E 79 5.16 -23.59 -11.29
C ASP E 79 5.67 -22.54 -10.31
N ALA E 80 6.63 -21.74 -10.75
CA ALA E 80 7.21 -20.70 -9.92
C ALA E 80 7.98 -19.75 -10.81
N VAL E 81 8.12 -18.51 -10.33
CA VAL E 81 8.83 -17.49 -11.08
C VAL E 81 9.75 -16.75 -10.13
N ILE E 82 10.91 -16.33 -10.64
CA ILE E 82 11.88 -15.58 -9.85
C ILE E 82 12.06 -14.21 -10.48
N GLY E 83 11.83 -13.17 -9.69
CA GLY E 83 12.03 -11.80 -10.18
C GLY E 83 13.41 -11.33 -9.74
N ILE E 84 14.28 -10.99 -10.68
CA ILE E 84 15.61 -10.55 -10.32
C ILE E 84 15.93 -9.14 -10.80
N GLY E 85 16.37 -8.30 -9.89
CA GLY E 85 16.69 -6.92 -10.23
C GLY E 85 17.61 -6.33 -9.20
N VAL E 86 18.31 -5.26 -9.56
CA VAL E 86 19.21 -4.63 -8.62
C VAL E 86 18.99 -3.13 -8.60
N LEU E 87 18.55 -2.63 -7.46
CA LEU E 87 18.30 -1.21 -7.28
C LEU E 87 19.36 -0.63 -6.34
N ILE E 88 20.02 0.43 -6.80
CA ILE E 88 21.05 1.07 -6.01
C ILE E 88 20.63 2.49 -5.68
N LYS E 89 20.83 2.88 -4.42
CA LYS E 89 20.50 4.22 -3.96
C LYS E 89 21.25 5.27 -4.80
N GLY E 90 20.53 6.27 -5.28
CA GLY E 90 21.14 7.34 -6.06
C GLY E 90 21.15 8.63 -5.26
N SER E 91 21.08 9.78 -5.93
CA SER E 91 21.09 11.05 -5.22
C SER E 91 19.69 11.56 -4.90
N THR E 92 18.69 10.98 -5.55
CA THR E 92 17.30 11.41 -5.35
C THR E 92 16.52 10.37 -4.56
N MET E 93 15.21 10.57 -4.43
CA MET E 93 14.33 9.65 -3.70
C MET E 93 13.79 8.57 -4.64
N HIS E 94 14.26 8.60 -5.86
CA HIS E 94 13.88 7.65 -6.88
C HIS E 94 13.96 6.21 -6.39
N PHE E 95 15.10 5.89 -5.79
CA PHE E 95 15.36 4.54 -5.28
C PHE E 95 14.30 4.07 -4.28
N GLU E 96 14.00 4.92 -3.30
CA GLU E 96 13.03 4.60 -2.28
C GLU E 96 11.64 4.28 -2.86
N TYR E 97 11.14 5.16 -3.73
CA TYR E 97 9.82 4.97 -4.29
C TYR E 97 9.72 3.81 -5.27
N ILE E 98 10.72 3.62 -6.12
CA ILE E 98 10.68 2.48 -7.04
C ILE E 98 10.70 1.17 -6.25
N SER E 99 11.59 1.10 -5.26
CA SER E 99 11.74 -0.11 -4.44
C SER E 99 10.43 -0.51 -3.78
N GLU E 100 9.81 0.45 -3.12
CA GLU E 100 8.57 0.17 -2.45
C GLU E 100 7.51 -0.31 -3.44
N ALA E 101 7.43 0.36 -4.59
CA ALA E 101 6.42 -0.01 -5.58
C ALA E 101 6.64 -1.38 -6.22
N VAL E 102 7.90 -1.72 -6.48
CA VAL E 102 8.20 -2.99 -7.11
C VAL E 102 7.95 -4.15 -6.15
N VAL E 103 8.36 -3.98 -4.91
CA VAL E 103 8.18 -5.04 -3.93
C VAL E 103 6.68 -5.33 -3.75
N HIS E 104 5.87 -4.27 -3.61
CA HIS E 104 4.42 -4.48 -3.47
C HIS E 104 3.86 -5.10 -4.75
N GLY E 105 4.38 -4.66 -5.91
CA GLY E 105 3.93 -5.16 -7.18
C GLY E 105 4.14 -6.65 -7.35
N LEU E 106 5.34 -7.12 -6.98
CA LEU E 106 5.68 -8.52 -7.09
C LEU E 106 4.78 -9.35 -6.17
N MET E 107 4.56 -8.87 -4.95
CA MET E 107 3.71 -9.58 -4.02
C MET E 107 2.30 -9.68 -4.61
N ARG E 108 1.79 -8.58 -5.18
CA ARG E 108 0.46 -8.60 -5.77
C ARG E 108 0.33 -9.62 -6.89
N VAL E 109 1.27 -9.59 -7.82
CA VAL E 109 1.24 -10.53 -8.92
C VAL E 109 1.20 -11.99 -8.45
N GLY E 110 1.99 -12.32 -7.44
CA GLY E 110 1.97 -13.69 -6.93
C GLY E 110 0.64 -14.02 -6.25
N LEU E 111 0.12 -13.11 -5.43
CA LEU E 111 -1.14 -13.40 -4.74
C LEU E 111 -2.31 -13.44 -5.72
N ASP E 112 -2.28 -12.54 -6.71
CA ASP E 112 -3.33 -12.46 -7.71
C ASP E 112 -3.40 -13.73 -8.55
N SER E 113 -2.25 -14.17 -9.04
CA SER E 113 -2.15 -15.34 -9.92
C SER E 113 -2.13 -16.69 -9.24
N GLY E 114 -1.69 -16.74 -7.98
CA GLY E 114 -1.59 -17.99 -7.29
C GLY E 114 -0.27 -18.65 -7.62
N VAL E 115 0.53 -18.01 -8.47
CA VAL E 115 1.84 -18.56 -8.83
C VAL E 115 2.92 -18.00 -7.89
N PRO E 116 3.71 -18.90 -7.27
CA PRO E 116 4.77 -18.43 -6.36
C PRO E 116 5.76 -17.50 -7.07
N VAL E 117 5.99 -16.33 -6.48
CA VAL E 117 6.94 -15.39 -7.03
C VAL E 117 8.04 -15.21 -6.00
N ILE E 118 9.26 -15.61 -6.37
CA ILE E 118 10.43 -15.51 -5.50
C ILE E 118 11.08 -14.14 -5.69
N LEU E 119 11.42 -13.50 -4.57
CA LEU E 119 12.02 -12.17 -4.58
C LEU E 119 13.54 -12.16 -4.74
N GLY E 120 13.99 -11.84 -5.95
CA GLY E 120 15.42 -11.79 -6.24
C GLY E 120 15.79 -10.33 -6.48
N LEU E 121 15.21 -9.47 -5.65
CA LEU E 121 15.44 -8.04 -5.73
C LEU E 121 16.45 -7.62 -4.69
N LEU E 122 17.51 -6.93 -5.13
CA LEU E 122 18.50 -6.42 -4.20
C LEU E 122 18.27 -4.92 -4.15
N THR E 123 18.14 -4.39 -2.93
CA THR E 123 17.93 -2.95 -2.73
C THR E 123 19.08 -2.53 -1.83
N VAL E 124 20.17 -2.08 -2.47
CA VAL E 124 21.39 -1.74 -1.78
C VAL E 124 21.82 -0.27 -1.82
N LEU E 125 22.76 0.09 -0.95
CA LEU E 125 23.25 1.48 -0.89
C LEU E 125 24.28 1.78 -1.96
N ASN E 126 24.98 0.75 -2.42
CA ASN E 126 26.01 0.95 -3.44
C ASN E 126 26.33 -0.35 -4.13
N GLU E 127 27.09 -0.23 -5.23
CA GLU E 127 27.53 -1.36 -6.05
C GLU E 127 28.20 -2.50 -5.29
N GLU E 128 29.16 -2.17 -4.44
CA GLU E 128 29.88 -3.18 -3.69
C GLU E 128 28.91 -4.15 -3.01
N GLN E 129 27.89 -3.61 -2.35
CA GLN E 129 26.91 -4.46 -1.66
C GLN E 129 26.19 -5.41 -2.63
N ALA E 130 25.92 -4.94 -3.84
CA ALA E 130 25.24 -5.78 -4.83
C ALA E 130 26.18 -6.90 -5.24
N LEU E 131 27.37 -6.55 -5.70
CA LEU E 131 28.36 -7.54 -6.13
C LEU E 131 28.60 -8.58 -5.04
N TYR E 132 28.70 -8.12 -3.81
CA TYR E 132 28.95 -9.02 -2.69
C TYR E 132 27.85 -10.08 -2.54
N ARG E 133 26.60 -9.66 -2.71
CA ARG E 133 25.49 -10.56 -2.56
C ARG E 133 25.29 -11.40 -3.81
N ALA E 134 26.09 -11.11 -4.83
CA ALA E 134 26.07 -11.84 -6.10
C ALA E 134 27.20 -12.88 -6.10
N GLY E 135 27.85 -13.06 -4.95
CA GLY E 135 28.91 -14.03 -4.83
C GLY E 135 30.33 -13.56 -5.14
N LEU E 136 30.50 -12.30 -5.54
CA LEU E 136 31.84 -11.79 -5.82
C LEU E 136 32.48 -11.27 -4.54
N ASN E 137 33.77 -10.94 -4.62
CA ASN E 137 34.56 -10.41 -3.51
C ASN E 137 34.32 -11.08 -2.17
N GLY E 138 34.30 -12.40 -2.17
CA GLY E 138 34.11 -13.14 -0.93
C GLY E 138 32.68 -13.34 -0.46
N GLY E 139 31.71 -12.82 -1.21
CA GLY E 139 30.32 -12.97 -0.82
C GLY E 139 29.67 -14.27 -1.26
N HIS E 140 28.47 -14.50 -0.76
CA HIS E 140 27.68 -15.69 -1.08
C HIS E 140 26.66 -15.33 -2.17
N ASN E 141 26.59 -16.11 -3.23
CA ASN E 141 25.64 -15.81 -4.31
C ASN E 141 24.22 -16.14 -3.82
N HIS E 142 23.39 -15.10 -3.72
CA HIS E 142 22.00 -15.25 -3.26
C HIS E 142 21.08 -15.87 -4.30
N GLY E 143 21.48 -15.85 -5.57
CA GLY E 143 20.68 -16.45 -6.62
C GLY E 143 20.51 -17.93 -6.32
N ASN E 144 21.50 -18.54 -5.69
CA ASN E 144 21.43 -19.94 -5.35
C ASN E 144 20.20 -20.18 -4.46
N ASP E 145 20.12 -19.41 -3.37
CA ASP E 145 19.01 -19.54 -2.44
C ASP E 145 17.68 -19.38 -3.16
N TRP E 146 17.63 -18.41 -4.07
CA TRP E 146 16.41 -18.16 -4.81
C TRP E 146 16.03 -19.38 -5.65
N GLY E 147 17.05 -20.03 -6.22
CA GLY E 147 16.81 -21.21 -7.01
C GLY E 147 16.13 -22.29 -6.19
N SER E 148 16.67 -22.55 -5.01
CA SER E 148 16.08 -23.56 -4.14
C SER E 148 14.67 -23.18 -3.71
N ALA E 149 14.46 -21.88 -3.43
CA ALA E 149 13.16 -21.41 -2.98
C ALA E 149 12.11 -21.61 -4.06
N ALA E 150 12.51 -21.33 -5.30
CA ALA E 150 11.60 -21.51 -6.42
C ALA E 150 11.17 -22.99 -6.52
N VAL E 151 12.15 -23.88 -6.49
CA VAL E 151 11.85 -25.29 -6.58
C VAL E 151 10.90 -25.71 -5.48
N GLU E 152 11.24 -25.33 -4.24
CA GLU E 152 10.41 -25.68 -3.11
C GLU E 152 8.97 -25.17 -3.21
N MET E 153 8.80 -23.89 -3.54
CA MET E 153 7.46 -23.34 -3.64
C MET E 153 6.68 -23.96 -4.80
N GLY E 154 7.37 -24.28 -5.88
CA GLY E 154 6.73 -24.87 -7.03
C GLY E 154 6.12 -26.22 -6.68
N LEU E 155 6.88 -27.02 -5.94
CA LEU E 155 6.40 -28.34 -5.53
C LEU E 155 5.24 -28.22 -4.56
N LYS E 156 5.41 -27.40 -3.52
CA LYS E 156 4.35 -27.23 -2.55
C LYS E 156 3.09 -26.72 -3.19
N ALA E 157 3.21 -26.10 -4.36
CA ALA E 157 2.04 -25.57 -5.06
C ALA E 157 1.25 -26.71 -5.70
N LEU E 158 1.95 -27.77 -6.09
CA LEU E 158 1.30 -28.95 -6.69
C LEU E 158 0.93 -29.93 -5.58
#